data_8IVY
#
_entry.id   8IVY
#
_cell.length_a   91.558
_cell.length_b   56.022
_cell.length_c   98.515
_cell.angle_alpha   90.00
_cell.angle_beta   102.19
_cell.angle_gamma   90.00
#
_symmetry.space_group_name_H-M   'P 1 21 1'
#
loop_
_entity.id
_entity.type
_entity.pdbx_description
1 polymer Beta-glucosidase
2 non-polymer GLYCEROL
3 non-polymer beta-D-glucopyranose
4 water water
#
_entity_poly.entity_id   1
_entity_poly.type   'polypeptide(L)'
_entity_poly.pdbx_seq_one_letter_code
;MGSSHHHHHHSSGLVPRGSHMASMSKITFPKDFIWGSATAAYQIEGAYNEDGKGESIWDRFSHTPGNIADGHTGDVACDH
YHRYEEDIKIMKEIGIKSYRFSISWPRIFPEGTGKLNQKGLDFYKRLTNLLLENGIMPAITLYHWDLPQKLQDKGGWKNR
DTTDYFTEYSEVIFKNLGDIVPIWFTHNQPGVVSLLGHFLGIHAPGIKDLRTSLEVSHNLLLSHGKAVKLFREMNIDAQI
GIALNLSYHYPASEKAEDIEAAELSFSLAGRWYLDPVLKGRYPENALKLYKKKGIELSFPEDDLKLISQPIDFIAFNNYS
SEFIKYDPSSESGFSPANSILEKFEKTDMGWIIYPEGLYDLLMLLDRDYGKPNIVISENGAAFKDEIGSNGKIEDTKRIQ
YLKDYLTQAHRAIQDGVNLKAYYLWSLLDNFEWAYGYNKRFGIVHVNFDTLERKIKDSGYWYKEVIKNNGFLEHHHHHH
;
_entity_poly.pdbx_strand_id   A,B
#
# COMPACT_ATOMS: atom_id res chain seq x y z
N MET A 24 -9.49 0.56 -7.72
CA MET A 24 -8.36 -0.10 -7.05
C MET A 24 -8.26 -1.58 -7.38
N SER A 25 -7.03 -2.09 -7.46
CA SER A 25 -6.80 -3.50 -7.71
C SER A 25 -5.55 -3.94 -6.96
N LYS A 26 -5.63 -5.11 -6.34
CA LYS A 26 -4.50 -5.68 -5.62
C LYS A 26 -3.64 -6.49 -6.57
N ILE A 27 -2.34 -6.19 -6.58
CA ILE A 27 -1.36 -6.88 -7.41
C ILE A 27 -0.60 -7.86 -6.52
N THR A 28 -0.81 -9.15 -6.71
CA THR A 28 -0.16 -10.18 -5.90
C THR A 28 0.62 -11.13 -6.82
N PHE A 29 1.90 -11.30 -6.51
CA PHE A 29 2.78 -12.16 -7.31
C PHE A 29 2.59 -13.62 -6.91
N PRO A 30 3.19 -14.57 -7.64
CA PRO A 30 3.01 -15.98 -7.30
C PRO A 30 3.52 -16.29 -5.89
N LYS A 31 3.01 -17.41 -5.35
CA LYS A 31 3.28 -17.78 -3.96
C LYS A 31 4.77 -17.82 -3.66
N ASP A 32 5.56 -18.44 -4.54
CA ASP A 32 6.97 -18.65 -4.29
C ASP A 32 7.86 -17.62 -4.99
N PHE A 33 7.29 -16.49 -5.40
CA PHE A 33 8.06 -15.51 -6.18
C PHE A 33 9.26 -15.00 -5.39
N ILE A 34 10.42 -14.97 -6.04
CA ILE A 34 11.68 -14.61 -5.39
C ILE A 34 11.93 -13.11 -5.56
N TRP A 35 11.99 -12.40 -4.43
CA TRP A 35 12.26 -10.96 -4.41
C TRP A 35 13.72 -10.78 -4.02
N GLY A 36 14.50 -10.13 -4.88
CA GLY A 36 15.93 -10.01 -4.66
C GLY A 36 16.43 -8.60 -4.91
N SER A 37 17.74 -8.46 -4.70
CA SER A 37 18.49 -7.24 -5.01
C SER A 37 19.89 -7.68 -5.43
N ALA A 38 20.51 -6.89 -6.30
CA ALA A 38 21.75 -7.30 -6.95
C ALA A 38 22.84 -6.23 -6.80
N THR A 39 24.10 -6.72 -6.79
CA THR A 39 25.29 -5.86 -6.82
C THR A 39 26.35 -6.56 -7.68
N ALA A 40 27.49 -5.90 -7.82
CA ALA A 40 28.65 -6.48 -8.50
C ALA A 40 29.89 -6.17 -7.66
N ALA A 41 30.87 -7.07 -7.74
CA ALA A 41 32.04 -6.98 -6.87
C ALA A 41 32.77 -5.65 -7.02
N TYR A 42 33.20 -5.33 -8.25
CA TYR A 42 33.98 -4.11 -8.42
C TYR A 42 33.18 -2.87 -8.06
N GLN A 43 31.86 -2.93 -8.17
CA GLN A 43 31.07 -1.73 -7.96
C GLN A 43 30.88 -1.39 -6.48
N ILE A 44 31.01 -2.37 -5.57
CA ILE A 44 30.73 -2.13 -4.16
C ILE A 44 31.89 -2.47 -3.23
N GLU A 45 32.82 -3.35 -3.62
CA GLU A 45 33.69 -3.99 -2.63
C GLU A 45 34.80 -3.09 -2.12
N GLY A 46 35.48 -2.35 -3.02
CA GLY A 46 36.70 -1.70 -2.57
C GLY A 46 37.79 -2.73 -2.29
N ALA A 47 38.70 -2.38 -1.38
CA ALA A 47 39.78 -3.28 -0.99
C ALA A 47 40.51 -3.82 -2.21
N TYR A 48 40.78 -2.93 -3.16
CA TYR A 48 41.22 -3.33 -4.48
C TYR A 48 42.59 -4.01 -4.48
N ASN A 49 43.42 -3.75 -3.46
CA ASN A 49 44.75 -4.36 -3.40
C ASN A 49 44.99 -5.04 -2.05
N GLU A 50 43.93 -5.51 -1.40
CA GLU A 50 44.08 -6.13 -0.09
C GLU A 50 44.03 -7.65 -0.19
N ASP A 51 44.64 -8.30 0.80
CA ASP A 51 44.58 -9.75 0.98
C ASP A 51 45.01 -10.51 -0.27
N GLY A 52 46.04 -10.00 -0.95
CA GLY A 52 46.62 -10.68 -2.09
C GLY A 52 45.83 -10.59 -3.38
N LYS A 53 44.78 -9.77 -3.44
CA LYS A 53 43.97 -9.67 -4.65
C LYS A 53 44.81 -9.16 -5.81
N GLY A 54 44.63 -9.79 -6.98
CA GLY A 54 45.31 -9.33 -8.17
C GLY A 54 44.61 -8.15 -8.83
N GLU A 55 45.39 -7.39 -9.58
CA GLU A 55 44.83 -6.27 -10.35
C GLU A 55 43.89 -6.80 -11.43
N SER A 56 42.75 -6.16 -11.58
CA SER A 56 41.82 -6.47 -12.66
C SER A 56 41.89 -5.42 -13.76
N ILE A 57 41.26 -5.71 -14.89
CA ILE A 57 41.25 -4.74 -15.97
C ILE A 57 40.48 -3.49 -15.58
N TRP A 58 39.57 -3.58 -14.60
CA TRP A 58 38.86 -2.38 -14.19
C TRP A 58 39.66 -1.56 -13.19
N ASP A 59 40.54 -2.18 -12.41
CA ASP A 59 41.54 -1.42 -11.68
C ASP A 59 42.41 -0.62 -12.64
N ARG A 60 42.94 -1.30 -13.67
CA ARG A 60 43.81 -0.64 -14.63
C ARG A 60 43.08 0.47 -15.37
N PHE A 61 41.85 0.19 -15.82
CA PHE A 61 41.07 1.19 -16.55
C PHE A 61 40.76 2.40 -15.69
N SER A 62 40.37 2.18 -14.42
CA SER A 62 40.02 3.28 -13.54
C SER A 62 41.24 4.11 -13.15
N HIS A 63 42.42 3.53 -13.17
CA HIS A 63 43.62 4.25 -12.77
C HIS A 63 44.21 5.08 -13.90
N THR A 64 43.61 5.01 -15.09
CA THR A 64 44.09 5.77 -16.23
C THR A 64 43.25 7.03 -16.39
N PRO A 65 43.86 8.21 -16.37
CA PRO A 65 43.07 9.45 -16.43
C PRO A 65 42.28 9.57 -17.72
N GLY A 66 41.09 10.16 -17.61
CA GLY A 66 40.23 10.38 -18.76
C GLY A 66 39.24 9.27 -19.03
N ASN A 67 39.34 8.13 -18.34
CA ASN A 67 38.42 7.02 -18.58
C ASN A 67 37.15 7.09 -17.75
N ILE A 68 37.23 7.61 -16.52
CA ILE A 68 36.09 7.66 -15.62
C ILE A 68 35.73 9.12 -15.36
N ALA A 69 34.43 9.42 -15.38
CA ALA A 69 33.95 10.73 -14.96
C ALA A 69 34.57 11.15 -13.64
N ASP A 70 35.12 12.36 -13.61
CA ASP A 70 35.63 12.99 -12.39
C ASP A 70 36.81 12.24 -11.78
N GLY A 71 37.49 11.39 -12.55
CA GLY A 71 38.60 10.63 -11.99
C GLY A 71 38.22 9.68 -10.88
N HIS A 72 36.96 9.29 -10.80
CA HIS A 72 36.53 8.33 -9.78
C HIS A 72 37.15 6.97 -10.04
N THR A 73 37.33 6.19 -8.97
CA THR A 73 37.83 4.82 -9.08
C THR A 73 37.01 3.90 -8.20
N GLY A 74 37.19 2.59 -8.42
CA GLY A 74 36.63 1.59 -7.54
C GLY A 74 37.57 1.14 -6.45
N ASP A 75 38.56 1.99 -6.09
CA ASP A 75 39.54 1.59 -5.09
C ASP A 75 38.86 1.30 -3.74
N VAL A 76 37.91 2.14 -3.35
CA VAL A 76 37.21 2.00 -2.08
C VAL A 76 35.73 1.69 -2.30
N ALA A 77 35.08 2.44 -3.18
CA ALA A 77 33.66 2.19 -3.56
C ALA A 77 32.82 2.22 -2.29
N CYS A 78 31.98 1.22 -2.04
CA CYS A 78 31.17 1.15 -0.82
C CYS A 78 31.92 0.53 0.35
N ASP A 79 33.17 0.08 0.14
CA ASP A 79 33.95 -0.64 1.16
C ASP A 79 33.19 -1.86 1.67
N HIS A 80 32.46 -2.52 0.77
CA HIS A 80 31.68 -3.70 1.15
C HIS A 80 32.58 -4.82 1.66
N TYR A 81 33.83 -4.88 1.18
CA TYR A 81 34.76 -5.90 1.65
C TYR A 81 34.88 -5.90 3.16
N HIS A 82 34.84 -4.73 3.78
CA HIS A 82 34.95 -4.62 5.23
C HIS A 82 33.61 -4.41 5.93
N ARG A 83 32.57 -3.97 5.22
CA ARG A 83 31.30 -3.62 5.87
C ARG A 83 30.16 -4.53 5.46
N TYR A 84 30.47 -5.73 4.94
CA TYR A 84 29.41 -6.62 4.47
C TYR A 84 28.44 -6.99 5.59
N GLU A 85 28.93 -7.04 6.83
N GLU A 85 28.92 -7.03 6.84
CA GLU A 85 28.06 -7.36 7.96
CA GLU A 85 28.03 -7.38 7.95
C GLU A 85 26.94 -6.33 8.10
C GLU A 85 26.95 -6.33 8.15
N GLU A 86 27.29 -5.05 8.00
CA GLU A 86 26.28 -4.00 8.05
C GLU A 86 25.33 -4.10 6.86
N ASP A 87 25.87 -4.42 5.69
CA ASP A 87 25.01 -4.47 4.50
C ASP A 87 24.03 -5.64 4.59
N ILE A 88 24.45 -6.76 5.17
CA ILE A 88 23.55 -7.90 5.34
C ILE A 88 22.45 -7.56 6.33
N LYS A 89 22.80 -6.87 7.42
CA LYS A 89 21.78 -6.45 8.37
C LYS A 89 20.76 -5.53 7.72
N ILE A 90 21.19 -4.71 6.75
CA ILE A 90 20.26 -3.87 6.00
C ILE A 90 19.40 -4.74 5.08
N MET A 91 20.01 -5.72 4.41
CA MET A 91 19.22 -6.68 3.62
C MET A 91 18.12 -7.30 4.45
N LYS A 92 18.43 -7.68 5.69
CA LYS A 92 17.48 -8.37 6.55
C LYS A 92 16.37 -7.43 7.01
N GLU A 93 16.70 -6.14 7.21
CA GLU A 93 15.67 -5.14 7.52
C GLU A 93 14.72 -4.94 6.34
N ILE A 94 15.27 -4.83 5.12
CA ILE A 94 14.40 -4.70 3.96
C ILE A 94 13.70 -6.02 3.68
N GLY A 95 14.32 -7.14 4.05
CA GLY A 95 13.69 -8.43 3.93
C GLY A 95 13.86 -9.11 2.59
N ILE A 96 14.88 -8.74 1.80
CA ILE A 96 15.08 -9.39 0.52
C ILE A 96 15.29 -10.88 0.74
N LYS A 97 14.71 -11.69 -0.13
CA LYS A 97 14.79 -13.13 0.00
C LYS A 97 16.02 -13.70 -0.68
N SER A 98 16.54 -13.00 -1.67
CA SER A 98 17.72 -13.44 -2.40
C SER A 98 18.63 -12.25 -2.62
N TYR A 99 19.94 -12.49 -2.54
CA TYR A 99 20.93 -11.45 -2.79
C TYR A 99 21.84 -11.93 -3.91
N ARG A 100 21.84 -11.19 -5.03
CA ARG A 100 22.70 -11.52 -6.16
C ARG A 100 23.98 -10.67 -6.09
N PHE A 101 25.13 -11.34 -5.95
CA PHE A 101 26.41 -10.68 -5.98
C PHE A 101 27.33 -11.40 -6.96
N SER A 102 28.46 -10.78 -7.28
CA SER A 102 29.48 -11.42 -8.10
C SER A 102 30.73 -11.66 -7.26
N ILE A 103 31.51 -12.66 -7.68
CA ILE A 103 32.78 -12.99 -7.05
C ILE A 103 33.90 -12.41 -7.89
N SER A 104 34.85 -11.75 -7.24
CA SER A 104 36.00 -11.16 -7.93
C SER A 104 36.99 -12.27 -8.25
N TRP A 105 37.05 -12.66 -9.53
CA TRP A 105 38.02 -13.65 -9.99
C TRP A 105 39.44 -13.37 -9.50
N PRO A 106 39.98 -12.13 -9.62
CA PRO A 106 41.35 -11.91 -9.14
C PRO A 106 41.51 -11.98 -7.62
N ARG A 107 40.42 -12.02 -6.85
CA ARG A 107 40.57 -12.37 -5.44
C ARG A 107 40.83 -13.86 -5.27
N ILE A 108 40.38 -14.67 -6.23
CA ILE A 108 40.51 -16.12 -6.13
C ILE A 108 41.81 -16.59 -6.77
N PHE A 109 42.04 -16.18 -8.02
CA PHE A 109 43.27 -16.42 -8.75
C PHE A 109 43.85 -15.07 -9.15
N PRO A 110 44.71 -14.48 -8.32
CA PRO A 110 45.26 -13.16 -8.65
C PRO A 110 45.96 -13.10 -9.99
N GLU A 111 46.51 -14.22 -10.47
CA GLU A 111 47.13 -14.27 -11.78
C GLU A 111 46.21 -14.84 -12.85
N GLY A 112 44.93 -15.05 -12.51
CA GLY A 112 43.97 -15.64 -13.43
C GLY A 112 44.01 -17.15 -13.43
N THR A 113 45.21 -17.71 -13.37
CA THR A 113 45.41 -19.12 -13.08
C THR A 113 46.53 -19.22 -12.05
N GLY A 114 47.04 -20.42 -11.80
CA GLY A 114 48.15 -20.59 -10.89
C GLY A 114 47.69 -20.77 -9.45
N LYS A 115 48.32 -20.05 -8.53
CA LYS A 115 48.15 -20.31 -7.10
C LYS A 115 46.82 -19.74 -6.60
N LEU A 116 46.06 -20.58 -5.91
CA LEU A 116 44.82 -20.16 -5.29
C LEU A 116 45.09 -19.26 -4.10
N ASN A 117 44.32 -18.18 -3.98
CA ASN A 117 44.42 -17.26 -2.84
C ASN A 117 43.31 -17.64 -1.86
N GLN A 118 43.68 -18.39 -0.82
CA GLN A 118 42.68 -18.89 0.12
C GLN A 118 41.98 -17.75 0.84
N LYS A 119 42.68 -16.64 1.07
CA LYS A 119 42.08 -15.51 1.78
C LYS A 119 40.91 -14.95 0.99
N GLY A 120 41.09 -14.80 -0.33
CA GLY A 120 39.99 -14.37 -1.17
C GLY A 120 38.82 -15.35 -1.16
N LEU A 121 39.12 -16.66 -1.25
CA LEU A 121 38.08 -17.67 -1.15
C LEU A 121 37.31 -17.56 0.17
N ASP A 122 38.04 -17.42 1.28
CA ASP A 122 37.39 -17.42 2.58
C ASP A 122 36.47 -16.22 2.75
N PHE A 123 36.75 -15.11 2.07
CA PHE A 123 35.85 -13.97 2.11
C PHE A 123 34.46 -14.35 1.62
N TYR A 124 34.38 -14.94 0.41
CA TYR A 124 33.09 -15.28 -0.16
C TYR A 124 32.45 -16.47 0.53
N LYS A 125 33.26 -17.39 1.08
CA LYS A 125 32.69 -18.46 1.89
C LYS A 125 32.02 -17.88 3.13
N ARG A 126 32.69 -16.94 3.79
CA ARG A 126 32.09 -16.30 4.95
C ARG A 126 30.85 -15.51 4.57
N LEU A 127 30.96 -14.67 3.52
CA LEU A 127 29.81 -13.87 3.09
C LEU A 127 28.61 -14.75 2.80
N THR A 128 28.82 -15.85 2.07
CA THR A 128 27.71 -16.74 1.74
C THR A 128 27.10 -17.36 2.99
N ASN A 129 27.94 -17.74 3.95
CA ASN A 129 27.46 -18.37 5.16
C ASN A 129 26.60 -17.43 6.00
N LEU A 130 27.02 -16.17 6.15
CA LEU A 130 26.20 -15.21 6.90
C LEU A 130 24.89 -14.92 6.19
N LEU A 131 24.90 -14.91 4.85
CA LEU A 131 23.65 -14.71 4.11
C LEU A 131 22.66 -15.83 4.39
N LEU A 132 23.14 -17.08 4.39
CA LEU A 132 22.29 -18.22 4.72
C LEU A 132 21.83 -18.16 6.18
N GLU A 133 22.76 -17.87 7.10
CA GLU A 133 22.39 -17.77 8.50
C GLU A 133 21.35 -16.68 8.74
N ASN A 134 21.28 -15.67 7.87
CA ASN A 134 20.29 -14.61 7.99
C ASN A 134 19.04 -14.87 7.15
N GLY A 135 18.87 -16.10 6.66
CA GLY A 135 17.69 -16.44 5.88
C GLY A 135 17.64 -15.84 4.49
N ILE A 136 18.79 -15.47 3.92
CA ILE A 136 18.85 -14.86 2.59
C ILE A 136 19.48 -15.86 1.63
N MET A 137 18.79 -16.11 0.53
CA MET A 137 19.26 -17.04 -0.49
C MET A 137 20.35 -16.39 -1.35
N PRO A 138 21.56 -16.93 -1.38
CA PRO A 138 22.60 -16.35 -2.23
C PRO A 138 22.42 -16.73 -3.69
N ALA A 139 22.81 -15.81 -4.57
CA ALA A 139 22.79 -16.02 -6.02
C ALA A 139 24.06 -15.41 -6.60
N ILE A 140 24.93 -16.25 -7.15
CA ILE A 140 26.30 -15.84 -7.47
C ILE A 140 26.47 -15.68 -8.98
N THR A 141 26.97 -14.51 -9.39
CA THR A 141 27.49 -14.27 -10.73
C THR A 141 28.99 -14.54 -10.71
N LEU A 142 29.44 -15.43 -11.60
CA LEU A 142 30.87 -15.77 -11.62
C LEU A 142 31.71 -14.67 -12.28
N TYR A 143 31.19 -14.05 -13.34
CA TYR A 143 31.94 -13.04 -14.07
C TYR A 143 31.12 -11.77 -14.23
N HIS A 144 31.51 -10.72 -13.55
CA HIS A 144 30.90 -9.41 -13.71
C HIS A 144 31.98 -8.36 -14.01
N TRP A 145 32.78 -8.66 -15.04
CA TRP A 145 33.67 -7.77 -15.79
C TRP A 145 35.07 -7.60 -15.21
N ASP A 146 35.38 -8.17 -14.05
CA ASP A 146 36.69 -7.93 -13.43
C ASP A 146 37.67 -9.05 -13.80
N LEU A 147 38.00 -9.10 -15.09
CA LEU A 147 39.04 -10.02 -15.58
C LEU A 147 40.38 -9.68 -14.95
N PRO A 148 41.12 -10.67 -14.44
CA PRO A 148 42.48 -10.40 -13.96
C PRO A 148 43.33 -9.77 -15.05
N GLN A 149 44.05 -8.71 -14.69
CA GLN A 149 44.88 -8.00 -15.67
C GLN A 149 45.95 -8.91 -16.27
N LYS A 150 46.48 -9.86 -15.51
CA LYS A 150 47.48 -10.77 -16.07
C LYS A 150 46.92 -11.51 -17.28
N LEU A 151 45.66 -11.94 -17.21
CA LEU A 151 45.06 -12.61 -18.35
C LEU A 151 44.84 -11.65 -19.51
N GLN A 152 44.58 -10.38 -19.22
CA GLN A 152 44.50 -9.39 -20.29
C GLN A 152 45.85 -9.18 -20.96
N ASP A 153 46.95 -9.26 -20.20
CA ASP A 153 48.27 -9.14 -20.80
C ASP A 153 48.53 -10.23 -21.83
N LYS A 154 47.83 -11.37 -21.72
CA LYS A 154 47.98 -12.47 -22.67
C LYS A 154 46.85 -12.50 -23.70
N GLY A 155 46.15 -11.38 -23.89
CA GLY A 155 45.10 -11.28 -24.89
C GLY A 155 43.69 -11.16 -24.34
N GLY A 156 43.49 -11.42 -23.05
CA GLY A 156 42.16 -11.30 -22.50
C GLY A 156 41.18 -12.27 -23.15
N TRP A 157 39.95 -11.79 -23.35
CA TRP A 157 38.92 -12.63 -23.94
C TRP A 157 39.13 -12.86 -25.44
N LYS A 158 40.11 -12.18 -26.05
CA LYS A 158 40.50 -12.52 -27.41
C LYS A 158 41.22 -13.86 -27.45
N ASN A 159 41.86 -14.25 -26.36
CA ASN A 159 42.61 -15.50 -26.26
C ASN A 159 41.66 -16.60 -25.82
N ARG A 160 41.50 -17.63 -26.66
CA ARG A 160 40.58 -18.72 -26.34
C ARG A 160 40.99 -19.47 -25.07
N ASP A 161 42.28 -19.41 -24.71
CA ASP A 161 42.74 -20.04 -23.46
C ASP A 161 42.03 -19.46 -22.24
N THR A 162 41.61 -18.18 -22.32
CA THR A 162 40.90 -17.57 -21.20
C THR A 162 39.61 -18.30 -20.88
N THR A 163 38.98 -18.93 -21.88
CA THR A 163 37.76 -19.68 -21.61
C THR A 163 38.02 -20.89 -20.74
N ASP A 164 39.20 -21.50 -20.85
CA ASP A 164 39.58 -22.60 -19.97
C ASP A 164 39.95 -22.10 -18.58
N TYR A 165 40.64 -20.95 -18.50
CA TYR A 165 40.97 -20.37 -17.20
C TYR A 165 39.70 -20.03 -16.43
N PHE A 166 38.66 -19.56 -17.12
CA PHE A 166 37.38 -19.26 -16.48
C PHE A 166 36.74 -20.52 -15.93
N THR A 167 36.83 -21.63 -16.67
CA THR A 167 36.23 -22.88 -16.19
C THR A 167 36.99 -23.43 -14.99
N GLU A 168 38.31 -23.28 -14.97
CA GLU A 168 39.10 -23.73 -13.83
C GLU A 168 38.77 -22.92 -12.58
N TYR A 169 38.53 -21.61 -12.76
CA TYR A 169 38.12 -20.76 -11.65
C TYR A 169 36.72 -21.11 -11.18
N SER A 170 35.79 -21.35 -12.13
CA SER A 170 34.44 -21.76 -11.77
C SER A 170 34.45 -23.07 -10.97
N GLU A 171 35.37 -23.99 -11.30
CA GLU A 171 35.41 -25.27 -10.60
C GLU A 171 35.74 -25.07 -9.13
N VAL A 172 36.68 -24.18 -8.82
CA VAL A 172 37.00 -23.88 -7.43
C VAL A 172 35.77 -23.35 -6.70
N ILE A 173 35.02 -22.45 -7.35
CA ILE A 173 33.84 -21.87 -6.71
C ILE A 173 32.75 -22.92 -6.56
N PHE A 174 32.48 -23.69 -7.62
CA PHE A 174 31.49 -24.77 -7.55
C PHE A 174 31.84 -25.75 -6.44
N LYS A 175 33.11 -26.11 -6.30
CA LYS A 175 33.47 -27.09 -5.28
C LYS A 175 33.22 -26.52 -3.88
N ASN A 176 33.50 -25.24 -3.69
CA ASN A 176 33.42 -24.66 -2.35
C ASN A 176 32.01 -24.20 -2.00
N LEU A 177 31.23 -23.75 -2.97
CA LEU A 177 29.94 -23.14 -2.71
C LEU A 177 28.77 -23.81 -3.42
N GLY A 178 29.02 -24.78 -4.30
CA GLY A 178 27.98 -25.23 -5.22
C GLY A 178 26.73 -25.75 -4.55
N ASP A 179 26.88 -26.52 -3.46
CA ASP A 179 25.74 -27.14 -2.81
C ASP A 179 25.15 -26.31 -1.68
N ILE A 180 25.45 -25.01 -1.63
CA ILE A 180 24.75 -24.11 -0.72
C ILE A 180 24.23 -22.87 -1.42
N VAL A 181 24.52 -22.69 -2.71
CA VAL A 181 24.06 -21.54 -3.49
C VAL A 181 23.07 -22.05 -4.54
N PRO A 182 21.77 -21.77 -4.40
CA PRO A 182 20.79 -22.40 -5.30
C PRO A 182 20.74 -21.81 -6.70
N ILE A 183 21.29 -20.62 -6.92
CA ILE A 183 21.14 -19.89 -8.17
C ILE A 183 22.51 -19.38 -8.62
N TRP A 184 22.88 -19.67 -9.87
CA TRP A 184 24.19 -19.35 -10.42
C TRP A 184 24.04 -18.66 -11.76
N PHE A 185 24.79 -17.57 -11.97
CA PHE A 185 24.89 -16.90 -13.26
C PHE A 185 26.36 -17.00 -13.72
N THR A 186 26.58 -17.57 -14.90
CA THR A 186 27.94 -17.66 -15.41
C THR A 186 28.49 -16.27 -15.73
N HIS A 187 27.79 -15.53 -16.57
CA HIS A 187 28.24 -14.24 -17.05
C HIS A 187 27.16 -13.20 -16.86
N ASN A 188 27.59 -11.96 -16.68
CA ASN A 188 26.70 -10.80 -16.64
C ASN A 188 27.01 -9.91 -17.84
N GLN A 189 26.02 -9.74 -18.71
CA GLN A 189 26.11 -8.84 -19.85
C GLN A 189 27.37 -9.02 -20.69
N PRO A 190 27.57 -10.18 -21.31
CA PRO A 190 28.71 -10.33 -22.23
C PRO A 190 28.66 -9.31 -23.37
N GLY A 191 27.47 -8.91 -23.79
CA GLY A 191 27.36 -7.95 -24.88
C GLY A 191 27.89 -6.57 -24.54
N VAL A 192 27.81 -6.17 -23.27
CA VAL A 192 28.41 -4.91 -22.86
C VAL A 192 29.92 -5.01 -22.80
N VAL A 193 30.43 -6.13 -22.26
CA VAL A 193 31.87 -6.37 -22.28
C VAL A 193 32.41 -6.31 -23.70
N SER A 194 31.68 -6.91 -24.64
N SER A 194 31.67 -6.88 -24.65
CA SER A 194 32.12 -6.92 -26.03
CA SER A 194 32.14 -6.91 -26.03
C SER A 194 32.04 -5.53 -26.65
C SER A 194 32.03 -5.55 -26.69
N LEU A 195 30.84 -4.93 -26.63
CA LEU A 195 30.64 -3.66 -27.34
C LEU A 195 31.40 -2.52 -26.68
N LEU A 196 31.19 -2.31 -25.37
CA LEU A 196 31.79 -1.16 -24.73
C LEU A 196 33.26 -1.39 -24.37
N GLY A 197 33.62 -2.63 -24.08
CA GLY A 197 34.99 -2.93 -23.70
C GLY A 197 35.95 -3.20 -24.84
N HIS A 198 35.44 -3.64 -26.00
CA HIS A 198 36.32 -4.06 -27.08
C HIS A 198 36.01 -3.46 -28.45
N PHE A 199 34.91 -2.72 -28.62
CA PHE A 199 34.72 -1.96 -29.85
C PHE A 199 34.67 -0.46 -29.59
N LEU A 200 33.82 0.00 -28.66
CA LEU A 200 33.79 1.42 -28.34
C LEU A 200 34.96 1.83 -27.45
N GLY A 201 35.49 0.90 -26.66
CA GLY A 201 36.64 1.18 -25.83
C GLY A 201 36.36 2.07 -24.63
N ILE A 202 35.10 2.31 -24.28
CA ILE A 202 34.79 3.16 -23.14
C ILE A 202 34.64 2.38 -21.84
N HIS A 203 34.72 1.04 -21.90
CA HIS A 203 34.86 0.19 -20.73
C HIS A 203 36.20 -0.53 -20.81
N ALA A 204 36.64 -1.07 -19.67
CA ALA A 204 37.83 -1.91 -19.66
C ALA A 204 37.62 -3.09 -20.61
N PRO A 205 38.68 -3.54 -21.30
CA PRO A 205 40.06 -3.07 -21.25
C PRO A 205 40.34 -1.92 -22.22
N GLY A 206 39.30 -1.26 -22.74
CA GLY A 206 39.51 -0.11 -23.58
C GLY A 206 39.89 -0.38 -25.01
N ILE A 207 39.57 -1.55 -25.54
CA ILE A 207 39.97 -1.92 -26.90
C ILE A 207 38.93 -1.40 -27.88
N LYS A 208 39.37 -1.10 -29.11
CA LYS A 208 38.52 -0.52 -30.15
C LYS A 208 38.75 -1.27 -31.47
N ASP A 209 38.10 -2.42 -31.63
CA ASP A 209 38.26 -3.19 -32.87
C ASP A 209 37.05 -4.09 -33.03
N LEU A 210 36.33 -3.95 -34.15
CA LEU A 210 35.08 -4.66 -34.33
C LEU A 210 35.30 -6.18 -34.37
N ARG A 211 36.34 -6.63 -35.07
CA ARG A 211 36.59 -8.06 -35.19
C ARG A 211 36.94 -8.65 -33.82
N THR A 212 37.85 -7.99 -33.10
CA THR A 212 38.20 -8.43 -31.75
C THR A 212 36.95 -8.53 -30.87
N SER A 213 36.07 -7.53 -30.92
CA SER A 213 34.88 -7.56 -30.07
C SER A 213 33.98 -8.73 -30.42
N LEU A 214 33.97 -9.17 -31.69
CA LEU A 214 33.16 -10.32 -32.05
C LEU A 214 33.83 -11.64 -31.66
N GLU A 215 35.16 -11.71 -31.74
CA GLU A 215 35.85 -12.86 -31.17
C GLU A 215 35.67 -12.92 -29.67
N VAL A 216 35.69 -11.76 -29.00
CA VAL A 216 35.47 -11.72 -27.56
C VAL A 216 34.06 -12.20 -27.23
N SER A 217 33.07 -11.75 -28.00
CA SER A 217 31.70 -12.23 -27.82
C SER A 217 31.63 -13.75 -27.86
N HIS A 218 32.32 -14.36 -28.83
CA HIS A 218 32.26 -15.81 -28.95
C HIS A 218 32.92 -16.49 -27.76
N ASN A 219 34.09 -15.99 -27.33
CA ASN A 219 34.79 -16.64 -26.24
C ASN A 219 34.04 -16.46 -24.92
N LEU A 220 33.40 -15.31 -24.73
CA LEU A 220 32.53 -15.16 -23.56
C LEU A 220 31.44 -16.22 -23.56
N LEU A 221 30.76 -16.38 -24.70
CA LEU A 221 29.72 -17.40 -24.80
C LEU A 221 30.30 -18.80 -24.63
N LEU A 222 31.48 -19.04 -25.20
CA LEU A 222 32.08 -20.36 -25.08
C LEU A 222 32.43 -20.69 -23.64
N SER A 223 32.92 -19.69 -22.88
CA SER A 223 33.24 -19.95 -21.48
C SER A 223 31.97 -20.25 -20.68
N HIS A 224 30.86 -19.61 -21.04
CA HIS A 224 29.57 -19.95 -20.43
C HIS A 224 29.25 -21.42 -20.64
N GLY A 225 29.37 -21.92 -21.87
CA GLY A 225 29.04 -23.30 -22.14
C GLY A 225 29.96 -24.28 -21.43
N LYS A 226 31.25 -23.92 -21.33
CA LYS A 226 32.20 -24.76 -20.61
C LYS A 226 31.85 -24.83 -19.13
N ALA A 227 31.45 -23.71 -18.54
CA ALA A 227 31.13 -23.69 -17.12
C ALA A 227 29.85 -24.47 -16.83
N VAL A 228 28.88 -24.41 -17.75
CA VAL A 228 27.63 -25.15 -17.55
C VAL A 228 27.90 -26.65 -17.65
N LYS A 229 28.66 -27.06 -18.66
CA LYS A 229 29.05 -28.46 -18.80
C LYS A 229 29.74 -28.95 -17.53
N LEU A 230 30.72 -28.18 -17.04
CA LEU A 230 31.39 -28.54 -15.78
C LEU A 230 30.39 -28.61 -14.64
N PHE A 231 29.49 -27.63 -14.56
CA PHE A 231 28.45 -27.61 -13.52
C PHE A 231 27.65 -28.91 -13.52
N ARG A 232 27.26 -29.39 -14.71
CA ARG A 232 26.55 -30.65 -14.80
C ARG A 232 27.44 -31.81 -14.39
N GLU A 233 28.67 -31.85 -14.90
CA GLU A 233 29.56 -32.97 -14.61
C GLU A 233 29.90 -33.06 -13.13
N MET A 234 29.90 -31.92 -12.44
CA MET A 234 30.09 -31.89 -11.00
C MET A 234 28.81 -32.21 -10.24
N ASN A 235 27.70 -32.42 -10.95
CA ASN A 235 26.40 -32.77 -10.36
C ASN A 235 26.01 -31.79 -9.25
N ILE A 236 26.18 -30.50 -9.52
CA ILE A 236 25.82 -29.48 -8.54
C ILE A 236 24.31 -29.44 -8.40
N ASP A 237 23.83 -29.57 -7.16
CA ASP A 237 22.39 -29.56 -6.87
C ASP A 237 21.88 -28.12 -6.80
N ALA A 238 21.92 -27.45 -7.96
CA ALA A 238 21.53 -26.05 -8.03
C ALA A 238 21.12 -25.75 -9.47
N GLN A 239 20.74 -24.50 -9.71
CA GLN A 239 20.31 -24.06 -11.03
C GLN A 239 21.28 -23.03 -11.56
N ILE A 240 21.55 -23.09 -12.86
CA ILE A 240 22.54 -22.23 -13.49
C ILE A 240 21.96 -21.60 -14.75
N GLY A 241 22.36 -20.37 -15.01
CA GLY A 241 21.94 -19.65 -16.19
C GLY A 241 22.95 -18.59 -16.56
N ILE A 242 22.49 -17.62 -17.35
CA ILE A 242 23.33 -16.49 -17.76
C ILE A 242 22.46 -15.23 -17.72
N ALA A 243 23.09 -14.08 -17.47
CA ALA A 243 22.39 -12.80 -17.37
C ALA A 243 22.76 -11.94 -18.58
N LEU A 244 21.79 -11.74 -19.48
CA LEU A 244 22.01 -10.99 -20.71
C LEU A 244 21.33 -9.63 -20.64
N ASN A 245 21.95 -8.64 -21.30
CA ASN A 245 21.36 -7.31 -21.40
C ASN A 245 20.33 -7.35 -22.52
N LEU A 246 19.05 -7.23 -22.18
CA LEU A 246 17.97 -7.38 -23.15
C LEU A 246 17.01 -6.20 -23.09
N SER A 247 16.55 -5.77 -24.26
CA SER A 247 15.51 -4.76 -24.40
C SER A 247 14.63 -5.13 -25.58
N TYR A 248 13.38 -4.68 -25.54
CA TYR A 248 12.52 -4.79 -26.71
C TYR A 248 12.84 -3.66 -27.67
N HIS A 249 13.04 -4.01 -28.94
CA HIS A 249 13.34 -3.04 -29.99
C HIS A 249 12.06 -2.86 -30.80
N TYR A 250 11.37 -1.76 -30.56
CA TYR A 250 10.12 -1.48 -31.26
C TYR A 250 10.40 -0.93 -32.66
N PRO A 251 9.72 -1.42 -33.69
CA PRO A 251 9.77 -0.75 -34.99
C PRO A 251 9.00 0.56 -34.94
N ALA A 252 9.49 1.55 -35.70
CA ALA A 252 8.89 2.88 -35.69
C ALA A 252 7.47 2.87 -36.24
N SER A 253 7.10 1.86 -37.01
CA SER A 253 5.78 1.75 -37.60
C SER A 253 5.54 0.28 -37.95
N GLU A 254 4.38 0.02 -38.55
CA GLU A 254 4.06 -1.32 -39.00
C GLU A 254 4.49 -1.61 -40.44
N LYS A 255 5.19 -0.66 -41.08
CA LYS A 255 5.75 -0.93 -42.41
C LYS A 255 6.85 -1.99 -42.30
N ALA A 256 6.87 -2.91 -43.26
CA ALA A 256 7.78 -4.06 -43.18
C ALA A 256 9.24 -3.62 -43.07
N GLU A 257 9.59 -2.48 -43.66
CA GLU A 257 10.96 -1.98 -43.59
C GLU A 257 11.36 -1.62 -42.15
N ASP A 258 10.41 -1.15 -41.35
CA ASP A 258 10.74 -0.80 -39.97
C ASP A 258 10.76 -2.04 -39.07
N ILE A 259 9.87 -3.01 -39.31
CA ILE A 259 9.94 -4.27 -38.58
C ILE A 259 11.26 -4.97 -38.84
N GLU A 260 11.64 -5.08 -40.12
CA GLU A 260 12.91 -5.73 -40.44
C GLU A 260 14.08 -4.97 -39.83
N ALA A 261 13.98 -3.63 -39.77
CA ALA A 261 15.04 -2.83 -39.18
C ALA A 261 15.17 -3.10 -37.68
N ALA A 262 14.04 -3.16 -36.97
CA ALA A 262 14.08 -3.45 -35.53
C ALA A 262 14.52 -4.88 -35.27
N GLU A 263 14.17 -5.82 -36.16
CA GLU A 263 14.65 -7.19 -36.01
C GLU A 263 16.16 -7.26 -36.15
N LEU A 264 16.72 -6.47 -37.05
CA LEU A 264 18.17 -6.43 -37.21
C LEU A 264 18.84 -5.78 -36.00
N SER A 265 18.24 -4.69 -35.49
CA SER A 265 18.77 -4.02 -34.31
C SER A 265 18.83 -4.97 -33.12
N PHE A 266 17.77 -5.75 -32.90
CA PHE A 266 17.76 -6.69 -31.80
C PHE A 266 18.79 -7.79 -31.99
N SER A 267 18.90 -8.32 -33.20
CA SER A 267 19.84 -9.42 -33.47
C SER A 267 21.29 -8.97 -33.37
N LEU A 268 21.58 -7.68 -33.50
CA LEU A 268 22.91 -7.15 -33.29
C LEU A 268 23.18 -6.85 -31.82
N ALA A 269 22.14 -6.77 -31.00
CA ALA A 269 22.29 -6.50 -29.58
C ALA A 269 22.07 -7.78 -28.78
N GLY A 270 21.02 -7.80 -27.96
CA GLY A 270 20.81 -8.93 -27.05
C GLY A 270 20.63 -10.27 -27.74
N ARG A 271 20.02 -10.28 -28.92
CA ARG A 271 19.76 -11.56 -29.57
C ARG A 271 21.03 -12.16 -30.17
N TRP A 272 22.08 -11.37 -30.33
CA TRP A 272 23.38 -11.93 -30.71
C TRP A 272 23.88 -12.92 -29.67
N TYR A 273 23.40 -12.82 -28.43
CA TYR A 273 23.74 -13.78 -27.38
C TYR A 273 22.59 -14.70 -27.01
N LEU A 274 21.35 -14.20 -27.06
CA LEU A 274 20.18 -15.03 -26.80
C LEU A 274 20.13 -16.25 -27.73
N ASP A 275 20.26 -16.02 -29.03
CA ASP A 275 20.11 -17.12 -29.98
C ASP A 275 21.21 -18.18 -29.84
N PRO A 276 22.49 -17.83 -29.69
CA PRO A 276 23.49 -18.89 -29.43
C PRO A 276 23.20 -19.69 -28.17
N VAL A 277 22.77 -19.03 -27.10
CA VAL A 277 22.58 -19.71 -25.82
C VAL A 277 21.37 -20.63 -25.87
N LEU A 278 20.25 -20.15 -26.41
CA LEU A 278 19.00 -20.91 -26.35
C LEU A 278 18.69 -21.68 -27.63
N LYS A 279 19.32 -21.35 -28.76
CA LYS A 279 19.05 -22.05 -29.99
C LYS A 279 20.30 -22.58 -30.69
N GLY A 280 21.49 -22.29 -30.19
CA GLY A 280 22.70 -22.85 -30.76
C GLY A 280 23.06 -22.31 -32.13
N ARG A 281 22.80 -21.03 -32.38
CA ARG A 281 23.15 -20.42 -33.65
C ARG A 281 23.14 -18.91 -33.49
N TYR A 282 24.04 -18.24 -34.22
CA TYR A 282 23.99 -16.79 -34.28
C TYR A 282 22.86 -16.34 -35.20
N PRO A 283 22.29 -15.17 -34.97
CA PRO A 283 21.25 -14.66 -35.86
C PRO A 283 21.77 -14.41 -37.26
N GLU A 284 21.10 -15.00 -38.26
CA GLU A 284 21.60 -14.92 -39.62
C GLU A 284 21.50 -13.50 -40.18
N ASN A 285 20.51 -12.73 -39.75
CA ASN A 285 20.40 -11.37 -40.28
C ASN A 285 21.54 -10.49 -39.79
N ALA A 286 22.03 -10.73 -38.58
CA ALA A 286 23.20 -10.02 -38.09
C ALA A 286 24.48 -10.51 -38.75
N LEU A 287 24.58 -11.81 -39.01
CA LEU A 287 25.73 -12.33 -39.74
C LEU A 287 25.82 -11.71 -41.13
N LYS A 288 24.67 -11.54 -41.79
CA LYS A 288 24.66 -10.92 -43.11
C LYS A 288 25.28 -9.53 -43.07
N LEU A 289 24.89 -8.74 -42.08
CA LEU A 289 25.39 -7.37 -41.95
C LEU A 289 26.91 -7.37 -41.73
N TYR A 290 27.39 -8.21 -40.81
CA TYR A 290 28.83 -8.27 -40.57
C TYR A 290 29.58 -8.74 -41.81
N LYS A 291 29.00 -9.69 -42.55
CA LYS A 291 29.59 -10.10 -43.82
C LYS A 291 29.65 -8.92 -44.79
N LYS A 292 28.59 -8.11 -44.81
CA LYS A 292 28.58 -6.92 -45.66
C LYS A 292 29.68 -5.95 -45.26
N LYS A 293 29.95 -5.84 -43.97
CA LYS A 293 31.02 -4.99 -43.46
C LYS A 293 32.40 -5.59 -43.69
N GLY A 294 32.49 -6.81 -44.22
CA GLY A 294 33.76 -7.45 -44.45
C GLY A 294 34.19 -8.44 -43.37
N ILE A 295 33.29 -8.82 -42.47
CA ILE A 295 33.63 -9.72 -41.36
C ILE A 295 32.78 -10.98 -41.52
N GLU A 296 33.41 -12.06 -41.94
CA GLU A 296 32.75 -13.36 -42.07
C GLU A 296 33.32 -14.28 -40.99
N LEU A 297 32.48 -14.64 -40.03
CA LEU A 297 32.94 -15.36 -38.84
C LEU A 297 33.01 -16.86 -39.08
N SER A 298 33.99 -17.49 -38.44
CA SER A 298 34.21 -18.93 -38.57
C SER A 298 34.63 -19.49 -37.22
N PHE A 299 33.72 -20.22 -36.57
CA PHE A 299 34.03 -20.93 -35.33
C PHE A 299 33.75 -22.41 -35.50
N PRO A 300 34.45 -23.27 -34.76
CA PRO A 300 34.20 -24.72 -34.83
C PRO A 300 32.71 -25.06 -34.67
N GLU A 301 32.31 -26.15 -35.32
CA GLU A 301 30.93 -26.61 -35.26
C GLU A 301 30.48 -26.84 -33.82
N ASP A 302 31.32 -27.52 -33.04
CA ASP A 302 30.93 -27.92 -31.69
C ASP A 302 30.86 -26.73 -30.73
N ASP A 303 31.46 -25.58 -31.08
CA ASP A 303 31.40 -24.43 -30.19
C ASP A 303 29.97 -23.99 -29.93
N LEU A 304 29.13 -23.97 -30.97
CA LEU A 304 27.76 -23.54 -30.77
C LEU A 304 26.94 -24.62 -30.06
N LYS A 305 27.29 -25.90 -30.24
CA LYS A 305 26.72 -26.95 -29.41
C LYS A 305 27.01 -26.69 -27.93
N LEU A 306 28.28 -26.40 -27.62
CA LEU A 306 28.68 -26.15 -26.25
C LEU A 306 27.99 -24.91 -25.68
N ILE A 307 27.95 -23.84 -26.47
CA ILE A 307 27.34 -22.60 -26.00
C ILE A 307 25.88 -22.83 -25.60
N SER A 308 25.18 -23.69 -26.35
CA SER A 308 23.75 -23.93 -26.10
C SER A 308 23.51 -25.10 -25.16
N GLN A 309 24.39 -25.33 -24.20
CA GLN A 309 24.10 -26.29 -23.15
C GLN A 309 22.77 -25.92 -22.49
N PRO A 310 21.90 -26.90 -22.21
CA PRO A 310 20.65 -26.57 -21.51
C PRO A 310 20.92 -25.89 -20.19
N ILE A 311 20.14 -24.84 -19.91
CA ILE A 311 20.27 -24.08 -18.68
C ILE A 311 18.91 -24.09 -17.97
N ASP A 312 18.96 -23.93 -16.64
CA ASP A 312 17.75 -24.04 -15.84
C ASP A 312 16.86 -22.82 -15.94
N PHE A 313 17.40 -21.69 -16.38
CA PHE A 313 16.63 -20.47 -16.60
C PHE A 313 17.44 -19.57 -17.52
N ILE A 314 16.75 -18.63 -18.15
CA ILE A 314 17.39 -17.50 -18.81
C ILE A 314 17.16 -16.26 -17.95
N ALA A 315 18.22 -15.50 -17.75
CA ALA A 315 18.16 -14.28 -16.93
C ALA A 315 18.53 -13.09 -17.80
N PHE A 316 17.92 -11.94 -17.49
CA PHE A 316 18.22 -10.74 -18.27
C PHE A 316 18.15 -9.49 -17.42
N ASN A 317 18.99 -8.52 -17.78
CA ASN A 317 18.95 -7.18 -17.23
C ASN A 317 18.19 -6.30 -18.20
N ASN A 318 17.16 -5.61 -17.70
CA ASN A 318 16.39 -4.68 -18.53
C ASN A 318 16.14 -3.39 -17.79
N TYR A 319 16.25 -2.28 -18.53
CA TYR A 319 16.04 -0.92 -18.00
C TYR A 319 15.15 -0.08 -18.88
N SER A 320 15.24 -0.22 -20.20
CA SER A 320 14.54 0.66 -21.13
C SER A 320 14.24 -0.13 -22.40
N SER A 321 13.78 0.60 -23.43
CA SER A 321 13.41 -0.01 -24.69
C SER A 321 13.99 0.83 -25.83
N GLU A 322 14.14 0.22 -27.00
CA GLU A 322 14.62 0.90 -28.18
C GLU A 322 13.47 1.12 -29.16
N PHE A 323 13.61 2.15 -29.99
CA PHE A 323 12.66 2.45 -31.06
C PHE A 323 13.47 2.69 -32.32
N ILE A 324 13.24 1.86 -33.33
CA ILE A 324 14.13 1.73 -34.48
C ILE A 324 13.36 2.03 -35.76
N LYS A 325 14.01 2.75 -36.67
CA LYS A 325 13.44 3.01 -37.99
C LYS A 325 14.40 2.57 -39.07
N TYR A 326 13.83 2.25 -40.24
CA TYR A 326 14.63 1.97 -41.43
C TYR A 326 15.42 3.21 -41.82
N ASP A 327 16.69 3.02 -42.16
CA ASP A 327 17.59 4.12 -42.51
C ASP A 327 18.40 3.71 -43.73
N PRO A 328 17.84 3.89 -44.93
CA PRO A 328 18.45 3.26 -46.12
C PRO A 328 19.83 3.79 -46.47
N SER A 329 20.13 5.06 -46.24
CA SER A 329 21.41 5.63 -46.61
C SER A 329 22.50 5.41 -45.56
N SER A 330 22.20 4.74 -44.46
CA SER A 330 23.21 4.49 -43.46
C SER A 330 23.92 3.16 -43.73
N GLU A 331 25.06 2.96 -43.07
CA GLU A 331 25.75 1.68 -43.20
C GLU A 331 25.00 0.58 -42.47
N SER A 332 24.42 0.89 -41.30
CA SER A 332 23.69 -0.10 -40.53
C SER A 332 22.38 -0.50 -41.23
N GLY A 333 21.73 0.46 -41.89
CA GLY A 333 20.39 0.26 -42.40
C GLY A 333 19.29 0.56 -41.41
N PHE A 334 19.62 1.08 -40.22
CA PHE A 334 18.62 1.43 -39.22
C PHE A 334 19.20 2.51 -38.32
N SER A 335 18.33 3.13 -37.53
CA SER A 335 18.73 4.20 -36.62
C SER A 335 17.60 4.43 -35.61
N PRO A 336 17.91 5.07 -34.48
CA PRO A 336 16.85 5.30 -33.48
C PRO A 336 15.79 6.27 -33.99
N ALA A 337 14.53 5.95 -33.70
CA ALA A 337 13.40 6.80 -34.08
C ALA A 337 13.28 7.92 -33.05
N ASN A 338 14.05 9.00 -33.27
CA ASN A 338 14.15 10.04 -32.26
C ASN A 338 12.83 10.76 -32.04
N SER A 339 12.01 10.92 -33.10
CA SER A 339 10.74 11.60 -32.94
C SER A 339 9.82 10.83 -31.99
N ILE A 340 9.96 9.51 -31.93
CA ILE A 340 9.21 8.71 -30.97
C ILE A 340 9.85 8.80 -29.59
N LEU A 341 11.18 8.74 -29.52
CA LEU A 341 11.88 8.68 -28.25
C LEU A 341 11.73 9.95 -27.43
N GLU A 342 11.57 11.10 -28.11
CA GLU A 342 11.49 12.37 -27.38
C GLU A 342 10.15 12.58 -26.69
N LYS A 343 9.18 11.69 -26.90
CA LYS A 343 7.90 11.76 -26.21
C LYS A 343 7.93 11.19 -24.80
N PHE A 344 9.00 10.49 -24.42
CA PHE A 344 9.08 9.77 -23.16
C PHE A 344 9.77 10.60 -22.08
N GLU A 345 9.39 10.34 -20.83
CA GLU A 345 10.19 10.76 -19.70
C GLU A 345 11.48 9.95 -19.65
N LYS A 346 12.50 10.51 -19.00
CA LYS A 346 13.81 9.89 -18.94
C LYS A 346 14.31 9.85 -17.50
N THR A 347 15.14 8.84 -17.22
CA THR A 347 15.85 8.75 -15.96
C THR A 347 17.09 9.64 -15.97
N ASP A 348 17.81 9.65 -14.85
CA ASP A 348 19.05 10.40 -14.75
C ASP A 348 20.14 9.84 -15.66
N MET A 349 19.93 8.66 -16.23
CA MET A 349 20.86 8.11 -17.22
C MET A 349 20.56 8.62 -18.63
N GLY A 350 19.43 9.30 -18.81
CA GLY A 350 18.97 9.68 -20.13
C GLY A 350 18.18 8.62 -20.86
N TRP A 351 17.85 7.52 -20.18
CA TRP A 351 17.10 6.42 -20.79
C TRP A 351 15.60 6.69 -20.70
N ILE A 352 14.88 6.36 -21.77
CA ILE A 352 13.43 6.55 -21.74
C ILE A 352 12.81 5.59 -20.75
N ILE A 353 11.69 6.01 -20.16
CA ILE A 353 10.90 5.22 -19.22
C ILE A 353 9.67 4.71 -19.96
N TYR A 354 9.57 3.41 -20.13
CA TYR A 354 8.43 2.82 -20.85
C TYR A 354 8.15 1.45 -20.24
N PRO A 355 7.31 1.40 -19.21
CA PRO A 355 7.12 0.13 -18.47
C PRO A 355 6.60 -1.01 -19.32
N GLU A 356 5.72 -0.71 -20.27
CA GLU A 356 5.15 -1.75 -21.13
C GLU A 356 6.23 -2.54 -21.87
N GLY A 357 7.40 -1.92 -22.08
CA GLY A 357 8.48 -2.61 -22.77
C GLY A 357 8.95 -3.85 -22.05
N LEU A 358 8.78 -3.89 -20.73
CA LEU A 358 9.16 -5.08 -19.96
C LEU A 358 8.16 -6.20 -20.17
N TYR A 359 6.87 -5.87 -20.26
CA TYR A 359 5.87 -6.87 -20.62
C TYR A 359 6.11 -7.41 -22.01
N ASP A 360 6.36 -6.52 -22.98
CA ASP A 360 6.55 -6.97 -24.35
C ASP A 360 7.81 -7.84 -24.48
N LEU A 361 8.86 -7.50 -23.74
CA LEU A 361 10.08 -8.30 -23.76
C LEU A 361 9.85 -9.68 -23.14
N LEU A 362 9.18 -9.72 -21.99
CA LEU A 362 8.92 -10.99 -21.33
C LEU A 362 8.06 -11.89 -22.22
N MET A 363 7.14 -11.29 -22.96
CA MET A 363 6.26 -12.12 -23.76
C MET A 363 7.00 -12.67 -24.97
N LEU A 364 7.98 -11.93 -25.48
CA LEU A 364 8.81 -12.43 -26.58
C LEU A 364 9.69 -13.58 -26.13
N LEU A 365 10.31 -13.46 -24.95
CA LEU A 365 11.09 -14.56 -24.41
C LEU A 365 10.25 -15.82 -24.27
N ASP A 366 9.03 -15.67 -23.74
CA ASP A 366 8.16 -16.83 -23.55
C ASP A 366 7.74 -17.43 -24.88
N ARG A 367 7.47 -16.57 -25.87
CA ARG A 367 6.97 -16.99 -27.16
C ARG A 367 8.05 -17.63 -28.03
N ASP A 368 9.24 -17.03 -28.06
CA ASP A 368 10.26 -17.40 -29.02
C ASP A 368 11.14 -18.56 -28.57
N TYR A 369 11.21 -18.85 -27.27
CA TYR A 369 12.20 -19.77 -26.74
C TYR A 369 11.56 -20.85 -25.88
N GLY A 370 10.31 -21.20 -26.17
CA GLY A 370 9.70 -22.38 -25.58
C GLY A 370 9.29 -22.25 -24.13
N LYS A 371 8.84 -21.07 -23.72
CA LYS A 371 8.36 -20.83 -22.36
C LYS A 371 9.41 -21.21 -21.31
N PRO A 372 10.63 -20.69 -21.38
CA PRO A 372 11.62 -21.00 -20.35
C PRO A 372 11.26 -20.35 -19.03
N ASN A 373 11.82 -20.89 -17.96
CA ASN A 373 11.86 -20.16 -16.71
C ASN A 373 12.71 -18.91 -16.90
N ILE A 374 12.22 -17.78 -16.39
CA ILE A 374 12.85 -16.48 -16.62
C ILE A 374 13.16 -15.85 -15.29
N VAL A 375 14.32 -15.18 -15.22
CA VAL A 375 14.78 -14.45 -14.05
C VAL A 375 15.11 -13.04 -14.50
N ILE A 376 14.57 -12.04 -13.82
CA ILE A 376 14.97 -10.65 -14.04
C ILE A 376 16.16 -10.42 -13.11
N SER A 377 17.37 -10.46 -13.68
CA SER A 377 18.57 -10.38 -12.86
C SER A 377 18.92 -8.95 -12.49
N GLU A 378 18.39 -7.96 -13.21
CA GLU A 378 18.52 -6.54 -12.88
C GLU A 378 17.34 -5.77 -13.47
N ASN A 379 16.77 -4.90 -12.65
CA ASN A 379 15.89 -3.84 -13.13
C ASN A 379 15.99 -2.71 -12.12
N GLY A 380 16.01 -1.47 -12.59
CA GLY A 380 16.07 -0.35 -11.68
C GLY A 380 16.24 0.95 -12.44
N ALA A 381 16.54 2.01 -11.70
CA ALA A 381 16.61 3.32 -12.33
C ALA A 381 17.51 4.25 -11.51
N ALA A 382 18.14 5.18 -12.22
CA ALA A 382 18.96 6.22 -11.60
C ALA A 382 18.19 7.53 -11.62
N PHE A 383 18.11 8.18 -10.46
CA PHE A 383 17.55 9.51 -10.35
C PHE A 383 18.45 10.31 -9.42
N LYS A 384 18.34 11.64 -9.49
CA LYS A 384 19.07 12.48 -8.58
C LYS A 384 18.47 12.36 -7.18
N ASP A 385 19.31 12.05 -6.20
CA ASP A 385 18.89 11.82 -4.83
C ASP A 385 19.24 13.01 -3.95
N GLU A 386 18.36 13.27 -2.99
CA GLU A 386 18.51 14.38 -2.06
C GLU A 386 18.16 13.90 -0.67
N ILE A 387 19.06 14.15 0.29
CA ILE A 387 18.83 13.77 1.68
C ILE A 387 18.15 14.97 2.34
N GLY A 388 16.87 14.83 2.65
CA GLY A 388 16.11 15.91 3.24
C GLY A 388 16.56 16.21 4.67
N SER A 389 15.98 17.27 5.23
CA SER A 389 16.34 17.69 6.58
C SER A 389 16.02 16.61 7.62
N ASN A 390 15.16 15.65 7.28
CA ASN A 390 14.79 14.57 8.18
C ASN A 390 15.72 13.38 8.10
N GLY A 391 16.73 13.42 7.24
CA GLY A 391 17.56 12.26 6.99
C GLY A 391 16.98 11.27 6.00
N LYS A 392 15.76 11.50 5.51
CA LYS A 392 15.13 10.61 4.56
C LYS A 392 15.60 10.95 3.13
N ILE A 393 15.49 9.96 2.25
CA ILE A 393 15.68 10.15 0.83
C ILE A 393 14.33 9.85 0.18
N GLU A 394 13.58 10.90 -0.16
CA GLU A 394 12.25 10.73 -0.74
C GLU A 394 12.38 10.59 -2.25
N ASP A 395 12.81 9.41 -2.68
CA ASP A 395 13.04 9.16 -4.10
C ASP A 395 11.75 8.65 -4.75
N THR A 396 10.82 9.59 -4.92
CA THR A 396 9.50 9.30 -5.46
C THR A 396 9.58 8.77 -6.88
N LYS A 397 10.43 9.37 -7.72
CA LYS A 397 10.53 8.93 -9.11
C LYS A 397 11.06 7.50 -9.20
N ARG A 398 11.96 7.11 -8.29
CA ARG A 398 12.44 5.73 -8.34
C ARG A 398 11.35 4.75 -7.93
N ILE A 399 10.58 5.08 -6.89
CA ILE A 399 9.45 4.23 -6.51
C ILE A 399 8.50 4.06 -7.69
N GLN A 400 8.18 5.17 -8.37
CA GLN A 400 7.22 5.11 -9.47
C GLN A 400 7.73 4.23 -10.61
N TYR A 401 9.03 4.36 -10.93
CA TYR A 401 9.62 3.50 -11.95
C TYR A 401 9.47 2.04 -11.59
N LEU A 402 9.94 1.65 -10.40
CA LEU A 402 9.90 0.25 -9.99
C LEU A 402 8.47 -0.29 -9.98
N LYS A 403 7.55 0.48 -9.40
CA LYS A 403 6.15 0.05 -9.32
C LYS A 403 5.56 -0.14 -10.71
N ASP A 404 5.84 0.78 -11.63
CA ASP A 404 5.30 0.67 -12.97
C ASP A 404 5.90 -0.52 -13.72
N TYR A 405 7.22 -0.73 -13.60
CA TYR A 405 7.83 -1.87 -14.28
C TYR A 405 7.41 -3.19 -13.66
N LEU A 406 7.30 -3.24 -12.33
CA LEU A 406 6.85 -4.47 -11.69
C LEU A 406 5.42 -4.82 -12.06
N THR A 407 4.58 -3.79 -12.25
CA THR A 407 3.21 -4.02 -12.69
C THR A 407 3.17 -4.75 -14.02
N GLN A 408 4.08 -4.38 -14.93
CA GLN A 408 4.11 -4.99 -16.25
C GLN A 408 4.70 -6.39 -16.19
N ALA A 409 5.65 -6.63 -15.28
CA ALA A 409 6.14 -7.98 -15.04
C ALA A 409 5.03 -8.88 -14.53
N HIS A 410 4.23 -8.36 -13.59
CA HIS A 410 3.07 -9.12 -13.10
C HIS A 410 2.09 -9.41 -14.21
N ARG A 411 1.86 -8.44 -15.10
CA ARG A 411 0.97 -8.65 -16.23
C ARG A 411 1.44 -9.82 -17.10
N ALA A 412 2.74 -9.91 -17.34
CA ALA A 412 3.28 -11.01 -18.12
C ALA A 412 3.06 -12.34 -17.43
N ILE A 413 3.17 -12.35 -16.10
CA ILE A 413 2.91 -13.57 -15.34
C ILE A 413 1.46 -14.01 -15.54
N GLN A 414 0.51 -13.08 -15.43
CA GLN A 414 -0.90 -13.41 -15.63
C GLN A 414 -1.15 -13.97 -17.01
N ASP A 415 -0.36 -13.54 -18.00
CA ASP A 415 -0.48 -14.03 -19.37
C ASP A 415 0.41 -15.23 -19.65
N GLY A 416 0.92 -15.89 -18.60
CA GLY A 416 1.52 -17.21 -18.74
C GLY A 416 3.03 -17.27 -18.73
N VAL A 417 3.71 -16.14 -18.53
CA VAL A 417 5.18 -16.13 -18.55
C VAL A 417 5.72 -16.71 -17.26
N ASN A 418 6.71 -17.59 -17.38
CA ASN A 418 7.30 -18.27 -16.23
C ASN A 418 8.39 -17.42 -15.59
N LEU A 419 8.00 -16.23 -15.15
CA LEU A 419 8.90 -15.32 -14.45
C LEU A 419 9.03 -15.73 -13.00
N LYS A 420 10.24 -16.11 -12.59
CA LYS A 420 10.43 -16.73 -11.28
C LYS A 420 11.03 -15.81 -10.24
N ALA A 421 11.71 -14.74 -10.65
CA ALA A 421 12.48 -13.95 -9.69
C ALA A 421 12.66 -12.55 -10.25
N TYR A 422 12.88 -11.60 -9.34
CA TYR A 422 13.11 -10.20 -9.70
C TYR A 422 14.21 -9.67 -8.78
N TYR A 423 15.32 -9.26 -9.37
CA TYR A 423 16.45 -8.70 -8.64
C TYR A 423 16.52 -7.22 -8.93
N LEU A 424 16.28 -6.40 -7.91
CA LEU A 424 16.32 -4.95 -8.03
C LEU A 424 17.76 -4.47 -8.07
N TRP A 425 18.14 -3.76 -9.13
CA TRP A 425 19.43 -3.10 -9.20
C TRP A 425 19.26 -1.65 -8.75
N SER A 426 19.92 -1.27 -7.67
CA SER A 426 20.88 -2.08 -6.92
C SER A 426 20.58 -1.96 -5.43
N LEU A 427 21.12 -2.89 -4.63
CA LEU A 427 20.97 -2.74 -3.18
C LEU A 427 21.59 -1.42 -2.70
N LEU A 428 22.76 -1.08 -3.23
CA LEU A 428 23.52 0.07 -2.78
C LEU A 428 23.84 0.97 -3.96
N ASP A 429 23.88 2.28 -3.70
CA ASP A 429 24.56 3.20 -4.61
C ASP A 429 25.99 2.69 -4.78
N ASN A 430 26.52 2.76 -6.00
CA ASN A 430 27.81 2.12 -6.24
C ASN A 430 28.53 2.79 -7.41
N PHE A 431 29.69 2.23 -7.74
CA PHE A 431 30.51 2.70 -8.85
C PHE A 431 29.84 2.35 -10.17
N GLU A 432 29.29 3.37 -10.84
CA GLU A 432 28.57 3.13 -12.10
C GLU A 432 29.52 3.25 -13.28
N TRP A 433 30.53 2.37 -13.26
CA TRP A 433 31.51 2.20 -14.32
C TRP A 433 32.07 3.53 -14.82
N ALA A 434 31.91 3.85 -16.10
CA ALA A 434 32.53 5.06 -16.64
C ALA A 434 31.91 6.33 -16.08
N TYR A 435 30.72 6.26 -15.48
CA TYR A 435 30.13 7.40 -14.81
C TYR A 435 30.63 7.60 -13.39
N GLY A 436 31.37 6.64 -12.84
CA GLY A 436 31.82 6.76 -11.46
C GLY A 436 30.63 6.78 -10.51
N TYR A 437 30.73 7.63 -9.49
CA TYR A 437 29.70 7.74 -8.46
C TYR A 437 28.63 8.78 -8.78
N ASN A 438 28.55 9.24 -10.03
CA ASN A 438 27.62 10.30 -10.40
C ASN A 438 26.21 9.78 -10.69
N LYS A 439 25.99 8.47 -10.73
CA LYS A 439 24.70 7.89 -11.05
C LYS A 439 24.34 6.91 -9.93
N ARG A 440 23.18 7.11 -9.32
CA ARG A 440 22.79 6.33 -8.14
C ARG A 440 21.61 5.43 -8.48
N PHE A 441 21.82 4.12 -8.38
CA PHE A 441 20.80 3.12 -8.64
C PHE A 441 20.26 2.45 -7.37
N GLY A 442 20.82 2.79 -6.20
CA GLY A 442 20.49 2.03 -5.01
C GLY A 442 19.12 2.33 -4.44
N ILE A 443 18.58 1.34 -3.71
CA ILE A 443 17.51 1.60 -2.75
C ILE A 443 18.08 1.93 -1.38
N VAL A 444 19.40 1.87 -1.25
CA VAL A 444 20.12 2.32 -0.06
C VAL A 444 21.14 3.34 -0.51
N HIS A 445 21.10 4.52 0.09
CA HIS A 445 22.03 5.59 -0.23
C HIS A 445 23.37 5.34 0.45
N VAL A 446 24.46 5.47 -0.31
CA VAL A 446 25.80 5.38 0.24
C VAL A 446 26.50 6.71 0.05
N ASN A 447 26.94 7.32 1.17
CA ASN A 447 27.82 8.46 1.13
C ASN A 447 29.22 7.94 0.84
N PHE A 448 29.79 8.29 -0.31
CA PHE A 448 31.07 7.71 -0.68
C PHE A 448 32.26 8.35 0.02
N ASP A 449 32.05 9.46 0.74
CA ASP A 449 33.11 10.05 1.56
C ASP A 449 33.10 9.54 2.99
N THR A 450 31.92 9.26 3.56
CA THR A 450 31.84 8.75 4.92
C THR A 450 31.52 7.26 4.98
N LEU A 451 31.10 6.67 3.87
CA LEU A 451 30.69 5.27 3.75
C LEU A 451 29.43 4.96 4.54
N GLU A 452 28.73 5.97 5.04
CA GLU A 452 27.47 5.76 5.75
C GLU A 452 26.38 5.28 4.78
N ARG A 453 25.55 4.35 5.26
CA ARG A 453 24.39 3.87 4.52
C ARG A 453 23.11 4.46 5.10
N LYS A 454 22.21 4.90 4.22
CA LYS A 454 20.88 5.37 4.61
C LYS A 454 19.87 4.76 3.67
N ILE A 455 18.93 3.99 4.22
CA ILE A 455 17.92 3.34 3.39
C ILE A 455 17.02 4.41 2.76
N LYS A 456 16.88 4.37 1.44
CA LYS A 456 16.01 5.31 0.75
C LYS A 456 14.55 4.91 0.91
N ASP A 457 13.66 5.87 0.65
CA ASP A 457 12.23 5.55 0.68
C ASP A 457 11.90 4.40 -0.27
N SER A 458 12.64 4.28 -1.38
CA SER A 458 12.44 3.14 -2.27
C SER A 458 12.81 1.83 -1.58
N GLY A 459 13.80 1.86 -0.69
CA GLY A 459 14.10 0.68 0.10
C GLY A 459 12.97 0.30 1.03
N TYR A 460 12.36 1.30 1.67
CA TYR A 460 11.24 1.03 2.56
C TYR A 460 10.01 0.59 1.77
N TRP A 461 9.84 1.11 0.55
CA TRP A 461 8.75 0.66 -0.32
C TRP A 461 8.92 -0.81 -0.69
N TYR A 462 10.14 -1.18 -1.10
CA TYR A 462 10.41 -2.56 -1.48
C TYR A 462 10.18 -3.50 -0.30
N LYS A 463 10.55 -3.06 0.91
CA LYS A 463 10.31 -3.85 2.11
C LYS A 463 8.85 -4.27 2.22
N GLU A 464 7.93 -3.36 1.86
CA GLU A 464 6.51 -3.65 1.99
C GLU A 464 6.01 -4.49 0.82
N VAL A 465 6.52 -4.23 -0.39
CA VAL A 465 6.24 -5.07 -1.54
C VAL A 465 6.57 -6.53 -1.21
N ILE A 466 7.74 -6.76 -0.63
CA ILE A 466 8.15 -8.12 -0.31
C ILE A 466 7.23 -8.73 0.75
N LYS A 467 6.97 -7.97 1.83
CA LYS A 467 6.10 -8.48 2.89
C LYS A 467 4.71 -8.80 2.37
N ASN A 468 4.17 -7.97 1.47
CA ASN A 468 2.83 -8.18 0.93
C ASN A 468 2.83 -8.95 -0.39
N ASN A 469 4.01 -9.32 -0.90
CA ASN A 469 4.12 -10.04 -2.16
C ASN A 469 3.44 -9.27 -3.29
N GLY A 470 3.58 -7.95 -3.27
CA GLY A 470 2.99 -7.10 -4.30
C GLY A 470 2.63 -5.73 -3.72
N PHE A 471 1.63 -5.10 -4.32
CA PHE A 471 1.25 -3.74 -3.95
C PHE A 471 -0.15 -3.45 -4.48
N LEU A 472 -0.66 -2.27 -4.13
CA LEU A 472 -1.96 -1.81 -4.58
C LEU A 472 -1.81 -0.82 -5.72
N GLU A 473 -2.71 -0.93 -6.70
CA GLU A 473 -2.76 -0.02 -7.83
C GLU A 473 -4.04 0.78 -7.78
N HIS A 474 -3.92 2.11 -7.74
CA HIS A 474 -5.08 2.97 -7.59
C HIS A 474 -5.49 3.64 -8.90
N MET B 24 8.03 8.66 0.63
CA MET B 24 6.85 7.99 1.17
C MET B 24 7.09 7.60 2.63
N SER B 25 6.03 7.56 3.43
CA SER B 25 6.11 7.09 4.80
C SER B 25 5.05 6.03 5.06
N LYS B 26 5.41 5.03 5.87
CA LYS B 26 4.48 3.98 6.25
C LYS B 26 3.67 4.43 7.46
N ILE B 27 2.35 4.31 7.36
CA ILE B 27 1.43 4.67 8.42
C ILE B 27 1.01 3.40 9.13
N THR B 28 1.43 3.24 10.39
CA THR B 28 1.12 2.06 11.18
C THR B 28 0.41 2.51 12.45
N PHE B 29 -0.76 1.94 12.68
CA PHE B 29 -1.58 2.25 13.85
C PHE B 29 -1.10 1.43 15.05
N PRO B 30 -1.60 1.71 16.25
CA PRO B 30 -1.16 0.97 17.43
C PRO B 30 -1.39 -0.53 17.28
N LYS B 31 -0.53 -1.30 17.95
CA LYS B 31 -0.52 -2.75 17.77
C LYS B 31 -1.84 -3.41 18.14
N ASP B 32 -2.64 -2.80 19.00
CA ASP B 32 -3.94 -3.33 19.40
C ASP B 32 -5.10 -2.49 18.88
N PHE B 33 -4.90 -1.72 17.81
CA PHE B 33 -5.94 -0.85 17.31
C PHE B 33 -7.12 -1.66 16.77
N ILE B 34 -8.34 -1.18 17.04
CA ILE B 34 -9.56 -1.88 16.66
C ILE B 34 -10.11 -1.27 15.38
N TRP B 35 -10.15 -2.08 14.31
CA TRP B 35 -10.74 -1.69 13.03
C TRP B 35 -12.15 -2.25 12.95
N GLY B 36 -13.14 -1.37 12.81
CA GLY B 36 -14.52 -1.78 12.84
C GLY B 36 -15.31 -1.24 11.66
N SER B 37 -16.56 -1.69 11.58
CA SER B 37 -17.56 -1.13 10.69
C SER B 37 -18.89 -1.12 11.43
N ALA B 38 -19.76 -0.19 11.05
CA ALA B 38 -20.95 0.14 11.83
C ALA B 38 -22.19 0.19 10.96
N THR B 39 -23.32 -0.16 11.57
CA THR B 39 -24.65 -0.04 10.97
C THR B 39 -25.62 0.46 12.03
N ALA B 40 -26.87 0.66 11.63
CA ALA B 40 -27.98 0.87 12.56
C ALA B 40 -29.15 -0.01 12.13
N ALA B 41 -29.96 -0.41 13.13
CA ALA B 41 -31.00 -1.40 12.89
C ALA B 41 -32.00 -0.93 11.84
N TYR B 42 -32.55 0.28 12.00
CA TYR B 42 -33.58 0.70 11.06
C TYR B 42 -33.01 0.88 9.66
N GLN B 43 -31.71 1.18 9.55
CA GLN B 43 -31.17 1.46 8.24
C GLN B 43 -30.90 0.20 7.40
N ILE B 44 -30.76 -0.98 8.03
CA ILE B 44 -30.38 -2.17 7.25
C ILE B 44 -31.34 -3.35 7.38
N GLU B 45 -32.09 -3.44 8.49
CA GLU B 45 -32.71 -4.72 8.85
C GLU B 45 -33.90 -5.07 7.96
N GLY B 46 -34.76 -4.11 7.67
CA GLY B 46 -36.06 -4.50 7.14
C GLY B 46 -36.88 -5.26 8.18
N ALA B 47 -37.74 -6.16 7.69
CA ALA B 47 -38.63 -6.96 8.55
C ALA B 47 -39.30 -6.09 9.60
N TYR B 48 -39.85 -4.96 9.13
CA TYR B 48 -40.35 -3.92 10.03
C TYR B 48 -41.59 -4.33 10.81
N ASN B 49 -42.25 -5.43 10.45
CA ASN B 49 -43.44 -5.86 11.17
C ASN B 49 -43.42 -7.38 11.40
N GLU B 50 -42.23 -7.93 11.62
CA GLU B 50 -42.04 -9.38 11.68
C GLU B 50 -41.67 -9.82 13.09
N ASP B 51 -42.13 -11.02 13.45
CA ASP B 51 -41.68 -11.71 14.66
C ASP B 51 -41.95 -10.90 15.92
N GLY B 52 -43.11 -10.24 15.97
CA GLY B 52 -43.55 -9.54 17.16
C GLY B 52 -43.11 -8.09 17.27
N LYS B 53 -42.32 -7.59 16.32
CA LYS B 53 -41.81 -6.22 16.43
C LYS B 53 -42.94 -5.20 16.42
N GLY B 54 -42.87 -4.24 17.34
CA GLY B 54 -43.80 -3.13 17.33
C GLY B 54 -43.35 -2.00 16.42
N GLU B 55 -44.31 -1.15 16.05
CA GLU B 55 -44.02 0.00 15.21
C GLU B 55 -43.11 0.99 15.93
N SER B 56 -42.13 1.53 15.21
CA SER B 56 -41.28 2.60 15.72
C SER B 56 -41.69 3.94 15.10
N ILE B 57 -41.24 5.02 15.73
CA ILE B 57 -41.52 6.34 15.19
C ILE B 57 -40.95 6.50 13.78
N TRP B 58 -39.92 5.71 13.42
CA TRP B 58 -39.40 5.83 12.06
C TRP B 58 -40.22 5.04 11.06
N ASP B 59 -40.83 3.92 11.49
CA ASP B 59 -41.85 3.30 10.65
C ASP B 59 -42.95 4.31 10.34
N ARG B 60 -43.44 5.01 11.37
CA ARG B 60 -44.51 5.98 11.19
C ARG B 60 -44.06 7.12 10.28
N PHE B 61 -42.87 7.65 10.54
CA PHE B 61 -42.35 8.79 9.76
C PHE B 61 -42.19 8.43 8.30
N SER B 62 -41.66 7.24 8.00
CA SER B 62 -41.44 6.83 6.61
C SER B 62 -42.75 6.53 5.89
N HIS B 63 -43.78 6.09 6.61
CA HIS B 63 -45.06 5.79 5.99
C HIS B 63 -45.91 7.03 5.76
N THR B 64 -45.41 8.21 6.13
CA THR B 64 -46.15 9.46 5.92
C THR B 64 -45.57 10.16 4.70
N PRO B 65 -46.34 10.37 3.64
CA PRO B 65 -45.78 10.97 2.43
C PRO B 65 -45.24 12.36 2.69
N GLY B 66 -44.14 12.69 1.98
CA GLY B 66 -43.50 13.99 2.10
C GLY B 66 -42.33 14.03 3.07
N ASN B 67 -42.09 12.97 3.83
CA ASN B 67 -41.01 12.98 4.82
C ASN B 67 -39.69 12.45 4.29
N ILE B 68 -39.75 11.48 3.37
CA ILE B 68 -38.55 10.81 2.86
C ILE B 68 -38.47 11.06 1.36
N ALA B 69 -37.28 11.41 0.88
CA ALA B 69 -37.08 11.59 -0.56
C ALA B 69 -37.54 10.36 -1.32
N ASP B 70 -38.31 10.58 -2.39
CA ASP B 70 -38.78 9.54 -3.30
C ASP B 70 -39.72 8.54 -2.64
N GLY B 71 -40.21 8.82 -1.44
CA GLY B 71 -41.09 7.89 -0.77
C GLY B 71 -40.44 6.61 -0.31
N HIS B 72 -39.11 6.55 -0.25
CA HIS B 72 -38.43 5.37 0.25
C HIS B 72 -38.79 5.14 1.71
N THR B 73 -38.73 3.87 2.12
CA THR B 73 -39.01 3.49 3.51
C THR B 73 -37.99 2.45 3.96
N GLY B 74 -37.95 2.22 5.26
CA GLY B 74 -37.10 1.19 5.81
C GLY B 74 -37.81 -0.13 5.95
N ASP B 75 -38.91 -0.31 5.21
CA ASP B 75 -39.70 -1.54 5.32
C ASP B 75 -38.84 -2.78 5.05
N VAL B 76 -37.99 -2.69 4.03
CA VAL B 76 -37.14 -3.80 3.60
C VAL B 76 -35.67 -3.47 3.82
N ALA B 77 -35.24 -2.28 3.39
CA ALA B 77 -33.86 -1.79 3.57
C ALA B 77 -32.92 -2.81 2.95
N CYS B 78 -31.89 -3.27 3.66
CA CYS B 78 -30.98 -4.28 3.15
C CYS B 78 -31.48 -5.70 3.41
N ASP B 79 -32.60 -5.86 4.12
CA ASP B 79 -33.12 -7.16 4.50
C ASP B 79 -32.10 -7.93 5.34
N HIS B 80 -31.31 -7.19 6.13
CA HIS B 80 -30.32 -7.79 7.02
C HIS B 80 -30.98 -8.75 8.01
N TYR B 81 -32.25 -8.54 8.33
CA TYR B 81 -32.94 -9.40 9.28
C TYR B 81 -32.97 -10.85 8.80
N HIS B 82 -33.08 -11.06 7.49
CA HIS B 82 -33.09 -12.40 6.92
C HIS B 82 -31.75 -12.81 6.32
N ARG B 83 -30.84 -11.86 6.08
CA ARG B 83 -29.60 -12.14 5.36
C ARG B 83 -28.36 -11.86 6.20
N TYR B 84 -28.49 -11.80 7.53
CA TYR B 84 -27.36 -11.47 8.39
C TYR B 84 -26.19 -12.44 8.21
N GLU B 85 -26.49 -13.71 7.90
N GLU B 85 -26.46 -13.70 7.88
CA GLU B 85 -25.44 -14.70 7.69
CA GLU B 85 -25.35 -14.65 7.75
C GLU B 85 -24.52 -14.29 6.55
C GLU B 85 -24.49 -14.32 6.52
N GLU B 86 -25.11 -13.86 5.44
CA GLU B 86 -24.32 -13.41 4.28
C GLU B 86 -23.48 -12.18 4.64
N ASP B 87 -24.04 -11.27 5.43
CA ASP B 87 -23.30 -10.07 5.79
C ASP B 87 -22.12 -10.41 6.71
N ILE B 88 -22.30 -11.38 7.62
CA ILE B 88 -21.20 -11.80 8.48
C ILE B 88 -20.09 -12.43 7.64
N LYS B 89 -20.47 -13.23 6.64
CA LYS B 89 -19.52 -13.72 5.66
C LYS B 89 -18.72 -12.59 5.04
N ILE B 90 -19.40 -11.50 4.66
CA ILE B 90 -18.69 -10.39 4.04
C ILE B 90 -17.77 -9.71 5.05
N MET B 91 -18.26 -9.47 6.27
CA MET B 91 -17.35 -8.92 7.28
C MET B 91 -16.14 -9.82 7.48
N LYS B 92 -16.33 -11.13 7.43
CA LYS B 92 -15.18 -12.04 7.61
C LYS B 92 -14.21 -11.92 6.43
N GLU B 93 -14.74 -11.74 5.21
CA GLU B 93 -13.87 -11.57 4.05
C GLU B 93 -13.08 -10.27 4.14
N ILE B 94 -13.74 -9.16 4.50
CA ILE B 94 -13.02 -7.90 4.68
C ILE B 94 -12.12 -7.97 5.91
N GLY B 95 -12.45 -8.83 6.86
CA GLY B 95 -11.63 -9.02 8.02
C GLY B 95 -11.82 -8.01 9.13
N ILE B 96 -12.98 -7.34 9.18
CA ILE B 96 -13.20 -6.37 10.25
C ILE B 96 -13.12 -7.09 11.58
N LYS B 97 -12.55 -6.42 12.58
CA LYS B 97 -12.35 -7.06 13.87
C LYS B 97 -13.45 -6.76 14.86
N SER B 98 -14.25 -5.73 14.59
CA SER B 98 -15.39 -5.40 15.44
C SER B 98 -16.52 -4.88 14.57
N TYR B 99 -17.75 -5.22 14.94
CA TYR B 99 -18.93 -4.84 14.18
C TYR B 99 -19.85 -4.06 15.11
N ARG B 100 -20.04 -2.78 14.83
CA ARG B 100 -20.96 -1.95 15.60
C ARG B 100 -22.35 -2.03 14.98
N PHE B 101 -23.34 -2.42 15.78
CA PHE B 101 -24.72 -2.46 15.32
C PHE B 101 -25.62 -1.98 16.44
N SER B 102 -26.88 -1.74 16.10
CA SER B 102 -27.84 -1.29 17.09
C SER B 102 -28.94 -2.33 17.26
N ILE B 103 -29.54 -2.33 18.44
CA ILE B 103 -30.66 -3.21 18.76
C ILE B 103 -31.94 -2.40 18.65
N SER B 104 -32.94 -2.97 18.00
CA SER B 104 -34.24 -2.33 17.83
C SER B 104 -35.06 -2.50 19.10
N TRP B 105 -35.23 -1.40 19.85
CA TRP B 105 -36.05 -1.42 21.06
C TRP B 105 -37.43 -2.04 20.82
N PRO B 106 -38.19 -1.67 19.77
CA PRO B 106 -39.50 -2.30 19.57
C PRO B 106 -39.44 -3.78 19.21
N ARG B 107 -38.28 -4.34 18.88
CA ARG B 107 -38.20 -5.79 18.78
C ARG B 107 -38.15 -6.45 20.15
N ILE B 108 -37.72 -5.72 21.18
CA ILE B 108 -37.56 -6.25 22.53
C ILE B 108 -38.77 -5.96 23.38
N PHE B 109 -39.22 -4.71 23.38
CA PHE B 109 -40.49 -4.31 24.02
C PHE B 109 -41.33 -3.63 22.94
N PRO B 110 -42.16 -4.39 22.22
CA PRO B 110 -42.95 -3.80 21.13
C PRO B 110 -43.85 -2.67 21.55
N GLU B 111 -44.31 -2.66 22.81
CA GLU B 111 -45.08 -1.56 23.36
C GLU B 111 -44.23 -0.58 24.15
N GLY B 112 -42.92 -0.65 24.00
CA GLY B 112 -42.03 0.25 24.75
C GLY B 112 -41.76 -0.20 26.16
N THR B 113 -42.80 -0.59 26.89
CA THR B 113 -42.70 -1.26 28.17
C THR B 113 -43.66 -2.45 28.15
N GLY B 114 -43.72 -3.20 29.25
CA GLY B 114 -44.66 -4.30 29.32
C GLY B 114 -44.12 -5.66 28.94
N LYS B 115 -44.75 -6.33 27.98
CA LYS B 115 -44.42 -7.73 27.71
C LYS B 115 -43.18 -7.84 26.83
N LEU B 116 -42.22 -8.64 27.30
CA LEU B 116 -41.00 -8.87 26.54
C LEU B 116 -41.27 -9.78 25.34
N ASN B 117 -40.73 -9.39 24.18
CA ASN B 117 -40.84 -10.18 22.97
C ASN B 117 -39.59 -11.06 22.89
N GLN B 118 -39.72 -12.31 23.36
CA GLN B 118 -38.57 -13.20 23.41
C GLN B 118 -37.98 -13.46 22.02
N LYS B 119 -38.82 -13.46 20.98
CA LYS B 119 -38.29 -13.61 19.62
C LYS B 119 -37.29 -12.52 19.30
N GLY B 120 -37.57 -11.28 19.72
CA GLY B 120 -36.66 -10.17 19.43
C GLY B 120 -35.34 -10.30 20.17
N LEU B 121 -35.40 -10.58 21.47
CA LEU B 121 -34.19 -10.89 22.22
C LEU B 121 -33.40 -12.00 21.56
N ASP B 122 -34.08 -13.07 21.16
CA ASP B 122 -33.39 -14.25 20.65
C ASP B 122 -32.70 -13.96 19.32
N PHE B 123 -33.29 -13.09 18.49
CA PHE B 123 -32.65 -12.74 17.23
C PHE B 123 -31.27 -12.14 17.46
N TYR B 124 -31.18 -11.18 18.39
CA TYR B 124 -29.90 -10.52 18.65
C TYR B 124 -28.96 -11.37 19.48
N LYS B 125 -29.49 -12.30 20.29
CA LYS B 125 -28.61 -13.25 20.95
C LYS B 125 -27.91 -14.13 19.92
N ARG B 126 -28.64 -14.58 18.90
CA ARG B 126 -28.03 -15.40 17.86
C ARG B 126 -27.06 -14.58 17.01
N LEU B 127 -27.44 -13.35 16.67
CA LEU B 127 -26.57 -12.49 15.89
C LEU B 127 -25.25 -12.25 16.62
N THR B 128 -25.33 -11.92 17.91
CA THR B 128 -24.13 -11.66 18.69
C THR B 128 -23.24 -12.90 18.78
N ASN B 129 -23.85 -14.07 18.97
CA ASN B 129 -23.07 -15.30 19.06
C ASN B 129 -22.42 -15.65 17.72
N LEU B 130 -23.12 -15.40 16.60
CA LEU B 130 -22.52 -15.69 15.30
C LEU B 130 -21.37 -14.74 14.99
N LEU B 131 -21.43 -13.49 15.45
CA LEU B 131 -20.28 -12.60 15.31
C LEU B 131 -19.08 -13.14 16.08
N LEU B 132 -19.30 -13.56 17.32
CA LEU B 132 -18.20 -14.10 18.13
C LEU B 132 -17.63 -15.38 17.54
N GLU B 133 -18.50 -16.29 17.09
CA GLU B 133 -18.03 -17.55 16.50
C GLU B 133 -17.16 -17.30 15.27
N ASN B 134 -17.37 -16.19 14.58
CA ASN B 134 -16.55 -15.81 13.43
C ASN B 134 -15.42 -14.89 13.82
N GLY B 135 -15.19 -14.67 15.11
CA GLY B 135 -14.07 -13.88 15.56
C GLY B 135 -14.25 -12.39 15.45
N ILE B 136 -15.49 -11.91 15.40
CA ILE B 136 -15.80 -10.49 15.27
C ILE B 136 -16.32 -9.99 16.61
N MET B 137 -15.68 -8.95 17.13
CA MET B 137 -16.06 -8.40 18.41
C MET B 137 -17.33 -7.56 18.27
N PRO B 138 -18.41 -7.90 18.95
CA PRO B 138 -19.63 -7.10 18.82
C PRO B 138 -19.54 -5.81 19.62
N ALA B 139 -20.16 -4.77 19.05
CA ALA B 139 -20.28 -3.47 19.70
C ALA B 139 -21.70 -2.96 19.49
N ILE B 140 -22.45 -2.75 20.57
CA ILE B 140 -23.89 -2.61 20.48
C ILE B 140 -24.31 -1.21 20.91
N THR B 141 -25.06 -0.53 20.04
CA THR B 141 -25.76 0.70 20.38
C THR B 141 -27.17 0.34 20.85
N LEU B 142 -27.52 0.77 22.07
CA LEU B 142 -28.85 0.45 22.59
C LEU B 142 -29.94 1.25 21.90
N TYR B 143 -29.70 2.55 21.66
CA TYR B 143 -30.69 3.43 21.05
C TYR B 143 -30.11 4.11 19.83
N HIS B 144 -30.59 3.72 18.65
CA HIS B 144 -30.23 4.38 17.40
C HIS B 144 -31.50 4.82 16.68
N TRP B 145 -32.37 5.54 17.39
CA TRP B 145 -33.46 6.40 16.92
C TRP B 145 -34.81 5.70 16.80
N ASP B 146 -34.88 4.37 16.92
CA ASP B 146 -36.13 3.66 16.70
C ASP B 146 -36.94 3.53 18.00
N LEU B 147 -37.35 4.67 18.54
CA LEU B 147 -38.25 4.68 19.69
C LEU B 147 -39.56 3.96 19.35
N PRO B 148 -40.04 3.04 20.19
CA PRO B 148 -41.38 2.47 19.98
C PRO B 148 -42.43 3.56 19.86
N GLN B 149 -43.31 3.41 18.85
CA GLN B 149 -44.30 4.44 18.58
C GLN B 149 -45.28 4.59 19.74
N LYS B 150 -45.56 3.50 20.44
CA LYS B 150 -46.48 3.57 21.58
C LYS B 150 -45.97 4.55 22.63
N LEU B 151 -44.65 4.61 22.83
CA LEU B 151 -44.08 5.58 23.76
C LEU B 151 -44.24 7.00 23.23
N GLN B 152 -44.06 7.18 21.91
CA GLN B 152 -44.30 8.49 21.30
C GLN B 152 -45.75 8.93 21.50
N ASP B 153 -46.69 7.97 21.43
CA ASP B 153 -48.07 8.29 21.75
C ASP B 153 -48.21 8.88 23.15
N LYS B 154 -47.32 8.50 24.07
CA LYS B 154 -47.33 8.99 25.44
C LYS B 154 -46.45 10.22 25.63
N GLY B 155 -45.93 10.81 24.56
CA GLY B 155 -45.10 11.99 24.65
C GLY B 155 -43.65 11.78 24.23
N GLY B 156 -43.25 10.54 23.98
CA GLY B 156 -41.89 10.29 23.52
C GLY B 156 -40.85 10.79 24.50
N TRP B 157 -39.75 11.30 23.96
CA TRP B 157 -38.63 11.71 24.80
C TRP B 157 -38.91 12.98 25.59
N LYS B 158 -40.04 13.65 25.32
CA LYS B 158 -40.48 14.76 26.17
C LYS B 158 -40.95 14.27 27.53
N ASN B 159 -41.40 13.03 27.62
CA ASN B 159 -41.89 12.43 28.85
C ASN B 159 -40.70 11.84 29.62
N ARG B 160 -40.50 12.31 30.86
CA ARG B 160 -39.38 11.82 31.66
C ARG B 160 -39.48 10.32 31.92
N ASP B 161 -40.70 9.78 31.93
CA ASP B 161 -40.88 8.35 32.15
C ASP B 161 -40.19 7.52 31.07
N THR B 162 -40.04 8.09 29.87
CA THR B 162 -39.34 7.38 28.81
C THR B 162 -37.92 7.05 29.22
N THR B 163 -37.28 7.87 30.04
CA THR B 163 -35.93 7.56 30.50
C THR B 163 -35.90 6.31 31.38
N ASP B 164 -36.97 6.05 32.13
CA ASP B 164 -37.02 4.83 32.92
C ASP B 164 -37.30 3.61 32.04
N TYR B 165 -38.19 3.75 31.06
CA TYR B 165 -38.44 2.65 30.12
C TYR B 165 -37.16 2.27 29.36
N PHE B 166 -36.36 3.26 28.97
CA PHE B 166 -35.10 2.96 28.29
C PHE B 166 -34.16 2.21 29.22
N THR B 167 -34.16 2.54 30.51
CA THR B 167 -33.32 1.83 31.47
C THR B 167 -33.81 0.40 31.68
N GLU B 168 -35.13 0.22 31.77
CA GLU B 168 -35.68 -1.12 31.91
C GLU B 168 -35.44 -1.95 30.64
N TYR B 169 -35.44 -1.32 29.47
CA TYR B 169 -35.06 -2.04 28.25
C TYR B 169 -33.59 -2.38 28.25
N SER B 170 -32.72 -1.44 28.66
CA SER B 170 -31.28 -1.71 28.72
C SER B 170 -30.96 -2.84 29.70
N GLU B 171 -31.76 -2.97 30.77
CA GLU B 171 -31.48 -4.01 31.76
C GLU B 171 -31.70 -5.40 31.19
N VAL B 172 -32.76 -5.59 30.41
CA VAL B 172 -32.96 -6.85 29.70
C VAL B 172 -31.77 -7.16 28.81
N ILE B 173 -31.31 -6.17 28.02
CA ILE B 173 -30.20 -6.40 27.12
C ILE B 173 -28.90 -6.67 27.90
N PHE B 174 -28.65 -5.89 28.96
CA PHE B 174 -27.46 -6.14 29.78
C PHE B 174 -27.50 -7.54 30.38
N LYS B 175 -28.67 -7.98 30.83
CA LYS B 175 -28.80 -9.29 31.46
C LYS B 175 -28.46 -10.42 30.50
N ASN B 176 -28.76 -10.25 29.21
CA ASN B 176 -28.59 -11.33 28.25
C ASN B 176 -27.29 -11.27 27.49
N LEU B 177 -26.70 -10.08 27.32
CA LEU B 177 -25.52 -9.90 26.47
C LEU B 177 -24.40 -9.11 27.13
N GLY B 178 -24.57 -8.65 28.37
CA GLY B 178 -23.65 -7.68 28.92
C GLY B 178 -22.21 -8.13 28.89
N ASP B 179 -21.94 -9.35 29.36
CA ASP B 179 -20.58 -9.81 29.56
C ASP B 179 -19.91 -10.25 28.25
N ILE B 180 -20.68 -10.74 27.27
CA ILE B 180 -20.09 -11.23 26.03
C ILE B 180 -19.99 -10.16 24.95
N VAL B 181 -20.40 -8.93 25.24
CA VAL B 181 -20.27 -7.80 24.32
C VAL B 181 -19.31 -6.81 24.96
N PRO B 182 -18.11 -6.61 24.41
CA PRO B 182 -17.09 -5.80 25.12
C PRO B 182 -17.33 -4.30 25.06
N ILE B 183 -18.08 -3.81 24.07
CA ILE B 183 -18.23 -2.38 23.83
C ILE B 183 -19.72 -2.05 23.73
N TRP B 184 -20.16 -1.06 24.51
CA TRP B 184 -21.55 -0.64 24.55
C TRP B 184 -21.65 0.87 24.34
N PHE B 185 -22.64 1.28 23.54
CA PHE B 185 -23.02 2.68 23.40
C PHE B 185 -24.47 2.81 23.82
N THR B 186 -24.74 3.68 24.79
CA THR B 186 -26.13 3.91 25.21
C THR B 186 -26.95 4.51 24.07
N HIS B 187 -26.49 5.64 23.57
CA HIS B 187 -27.22 6.43 22.58
C HIS B 187 -26.32 6.72 21.39
N ASN B 188 -26.96 6.96 20.25
CA ASN B 188 -26.29 7.45 19.05
C ASN B 188 -26.84 8.83 18.72
N GLN B 189 -25.97 9.83 18.71
CA GLN B 189 -26.31 11.18 18.27
C GLN B 189 -27.60 11.74 18.86
N PRO B 190 -27.67 11.90 20.19
CA PRO B 190 -28.88 12.54 20.76
C PRO B 190 -29.11 13.94 20.25
N GLY B 191 -28.03 14.66 19.89
CA GLY B 191 -28.19 16.00 19.35
C GLY B 191 -28.90 16.03 18.02
N VAL B 192 -28.81 14.94 17.26
CA VAL B 192 -29.53 14.87 15.99
C VAL B 192 -30.99 14.54 16.23
N VAL B 193 -31.28 13.58 17.11
CA VAL B 193 -32.66 13.28 17.49
C VAL B 193 -33.34 14.55 17.99
N SER B 194 -32.65 15.30 18.85
N SER B 194 -32.65 15.32 18.84
CA SER B 194 -33.23 16.53 19.41
CA SER B 194 -33.24 16.53 19.41
C SER B 194 -33.45 17.57 18.32
C SER B 194 -33.45 17.60 18.34
N LEU B 195 -32.39 17.97 17.63
CA LEU B 195 -32.49 19.07 16.66
C LEU B 195 -33.36 18.67 15.47
N LEU B 196 -32.99 17.58 14.78
CA LEU B 196 -33.70 17.23 13.56
C LEU B 196 -35.07 16.64 13.83
N GLY B 197 -35.20 15.87 14.91
CA GLY B 197 -36.44 15.18 15.18
C GLY B 197 -37.46 15.96 15.99
N HIS B 198 -37.02 17.01 16.70
CA HIS B 198 -37.90 17.75 17.59
C HIS B 198 -37.84 19.27 17.45
N PHE B 199 -36.92 19.81 16.66
CA PHE B 199 -36.92 21.24 16.37
C PHE B 199 -37.20 21.50 14.89
N LEU B 200 -36.41 20.93 14.00
CA LEU B 200 -36.64 21.10 12.57
C LEU B 200 -37.70 20.15 12.03
N GLY B 201 -37.98 19.04 12.73
CA GLY B 201 -39.03 18.14 12.30
C GLY B 201 -38.76 17.36 11.03
N ILE B 202 -37.52 17.34 10.54
CA ILE B 202 -37.22 16.59 9.33
C ILE B 202 -36.81 15.15 9.63
N HIS B 203 -36.73 14.79 10.90
CA HIS B 203 -36.55 13.42 11.35
C HIS B 203 -37.73 13.03 12.24
N ALA B 204 -37.96 11.73 12.37
CA ALA B 204 -38.97 11.26 13.29
C ALA B 204 -38.70 11.80 14.69
N PRO B 205 -39.73 12.16 15.46
CA PRO B 205 -41.17 12.06 15.14
C PRO B 205 -41.74 13.33 14.51
N GLY B 206 -40.91 14.21 13.95
CA GLY B 206 -41.41 15.37 13.23
C GLY B 206 -41.87 16.53 14.08
N ILE B 207 -41.36 16.67 15.30
CA ILE B 207 -41.76 17.75 16.18
C ILE B 207 -41.00 19.02 15.81
N LYS B 208 -41.63 20.19 16.03
CA LYS B 208 -41.06 21.49 15.65
C LYS B 208 -41.25 22.47 16.81
N ASP B 209 -40.50 22.30 17.89
CA ASP B 209 -40.64 23.15 19.07
C ASP B 209 -39.31 23.25 19.78
N LEU B 210 -38.79 24.47 19.93
CA LEU B 210 -37.45 24.61 20.51
C LEU B 210 -37.41 24.10 21.94
N ARG B 211 -38.39 24.48 22.78
CA ARG B 211 -38.35 24.08 24.18
C ARG B 211 -38.49 22.56 24.31
N THR B 212 -39.34 21.96 23.47
CA THR B 212 -39.46 20.51 23.44
C THR B 212 -38.13 19.85 23.10
N SER B 213 -37.42 20.39 22.10
CA SER B 213 -36.17 19.79 21.69
C SER B 213 -35.13 19.82 22.81
N LEU B 214 -35.16 20.87 23.63
CA LEU B 214 -34.20 20.97 24.72
C LEU B 214 -34.58 20.02 25.86
N GLU B 215 -35.87 19.88 26.14
CA GLU B 215 -36.29 18.90 27.14
C GLU B 215 -35.98 17.48 26.69
N VAL B 216 -36.18 17.21 25.39
CA VAL B 216 -35.79 15.92 24.83
C VAL B 216 -34.29 15.71 24.95
N SER B 217 -33.51 16.75 24.65
CA SER B 217 -32.06 16.69 24.87
C SER B 217 -31.73 16.23 26.28
N HIS B 218 -32.33 16.89 27.27
CA HIS B 218 -32.03 16.56 28.66
C HIS B 218 -32.43 15.14 29.01
N ASN B 219 -33.57 14.67 28.49
CA ASN B 219 -34.06 13.34 28.85
C ASN B 219 -33.24 12.24 28.18
N LEU B 220 -32.81 12.47 26.93
CA LEU B 220 -31.88 11.54 26.31
C LEU B 220 -30.60 11.42 27.15
N LEU B 221 -30.01 12.57 27.52
CA LEU B 221 -28.83 12.55 28.38
C LEU B 221 -29.12 11.86 29.70
N LEU B 222 -30.30 12.13 30.28
CA LEU B 222 -30.66 11.49 31.54
C LEU B 222 -30.73 9.99 31.39
N SER B 223 -31.29 9.51 30.27
CA SER B 223 -31.40 8.07 30.05
C SER B 223 -30.03 7.43 29.88
N HIS B 224 -29.10 8.13 29.22
CA HIS B 224 -27.71 7.66 29.15
C HIS B 224 -27.15 7.42 30.54
N GLY B 225 -27.26 8.43 31.42
CA GLY B 225 -26.69 8.29 32.75
C GLY B 225 -27.33 7.16 33.55
N LYS B 226 -28.65 7.05 33.47
CA LYS B 226 -29.35 5.96 34.15
C LYS B 226 -28.86 4.61 33.66
N ALA B 227 -28.67 4.45 32.35
CA ALA B 227 -28.21 3.18 31.80
C ALA B 227 -26.78 2.88 32.24
N VAL B 228 -25.91 3.89 32.29
CA VAL B 228 -24.55 3.66 32.76
C VAL B 228 -24.56 3.27 34.24
N LYS B 229 -25.35 3.98 35.06
CA LYS B 229 -25.47 3.62 36.47
C LYS B 229 -25.98 2.20 36.63
N LEU B 230 -26.96 1.81 35.82
CA LEU B 230 -27.44 0.44 35.83
C LEU B 230 -26.32 -0.53 35.46
N PHE B 231 -25.56 -0.20 34.40
CA PHE B 231 -24.44 -1.01 33.94
C PHE B 231 -23.46 -1.31 35.07
N ARG B 232 -23.05 -0.27 35.80
CA ARG B 232 -22.13 -0.46 36.92
C ARG B 232 -22.76 -1.32 38.02
N GLU B 233 -24.02 -1.02 38.37
CA GLU B 233 -24.64 -1.72 39.49
C GLU B 233 -24.94 -3.17 39.17
N MET B 234 -25.07 -3.51 37.89
CA MET B 234 -25.16 -4.90 37.46
C MET B 234 -23.79 -5.56 37.38
N ASN B 235 -22.72 -4.81 37.62
CA ASN B 235 -21.34 -5.33 37.59
C ASN B 235 -21.02 -5.98 36.25
N ILE B 236 -21.51 -5.38 35.17
CA ILE B 236 -21.22 -5.90 33.84
C ILE B 236 -19.73 -5.75 33.55
N ASP B 237 -19.08 -6.85 33.14
CA ASP B 237 -17.65 -6.82 32.84
C ASP B 237 -17.44 -6.44 31.37
N ALA B 238 -17.71 -5.18 31.07
CA ALA B 238 -17.52 -4.64 29.73
C ALA B 238 -17.35 -3.14 29.83
N GLN B 239 -17.24 -2.48 28.67
CA GLN B 239 -17.01 -1.06 28.58
C GLN B 239 -18.23 -0.37 27.98
N ILE B 240 -18.58 0.79 28.51
CA ILE B 240 -19.77 1.52 28.08
C ILE B 240 -19.42 2.99 27.85
N GLY B 241 -20.03 3.57 26.82
CA GLY B 241 -19.86 4.98 26.52
C GLY B 241 -21.09 5.52 25.82
N ILE B 242 -20.90 6.60 25.06
CA ILE B 242 -21.98 7.22 24.28
C ILE B 242 -21.37 7.75 22.98
N ALA B 243 -22.15 7.70 21.90
CA ALA B 243 -21.68 8.12 20.57
C ALA B 243 -22.32 9.45 20.21
N LEU B 244 -21.54 10.52 20.28
CA LEU B 244 -22.02 11.86 20.02
C LEU B 244 -21.65 12.31 18.61
N ASN B 245 -22.49 13.17 18.04
CA ASN B 245 -22.18 13.83 16.78
C ASN B 245 -21.29 15.03 17.06
N LEU B 246 -20.02 14.96 16.66
CA LEU B 246 -19.04 16.00 16.94
C LEU B 246 -18.33 16.46 15.68
N SER B 247 -18.03 17.76 15.63
CA SER B 247 -17.18 18.36 14.62
C SER B 247 -16.41 19.50 15.26
N TYR B 248 -15.23 19.78 14.70
CA TYR B 248 -14.52 21.00 15.08
C TYR B 248 -15.21 22.19 14.43
N HIS B 249 -15.41 23.26 15.21
CA HIS B 249 -16.02 24.49 14.72
C HIS B 249 -14.90 25.52 14.59
N TYR B 250 -14.42 25.71 13.35
CA TYR B 250 -13.34 26.66 13.09
C TYR B 250 -13.89 28.09 13.04
N PRO B 251 -13.20 29.04 13.66
CA PRO B 251 -13.59 30.45 13.49
C PRO B 251 -13.19 30.95 12.11
N ALA B 252 -13.96 31.92 11.62
CA ALA B 252 -13.64 32.50 10.31
C ALA B 252 -12.32 33.25 10.31
N SER B 253 -11.84 33.68 11.48
CA SER B 253 -10.57 34.40 11.59
C SER B 253 -10.09 34.30 13.02
N GLU B 254 -8.89 34.82 13.27
CA GLU B 254 -8.33 34.88 14.62
C GLU B 254 -8.78 36.11 15.39
N LYS B 255 -9.78 36.84 14.89
CA LYS B 255 -10.38 37.92 15.66
C LYS B 255 -11.19 37.34 16.81
N ALA B 256 -11.24 38.10 17.91
CA ALA B 256 -11.92 37.62 19.12
C ALA B 256 -13.39 37.30 18.85
N GLU B 257 -14.05 38.12 18.03
CA GLU B 257 -15.49 37.92 17.80
C GLU B 257 -15.76 36.62 17.04
N ASP B 258 -14.91 36.30 16.06
CA ASP B 258 -15.09 35.05 15.32
C ASP B 258 -14.79 33.85 16.19
N ILE B 259 -13.79 33.96 17.08
CA ILE B 259 -13.44 32.85 17.96
C ILE B 259 -14.59 32.56 18.92
N GLU B 260 -15.17 33.61 19.51
CA GLU B 260 -16.26 33.36 20.45
C GLU B 260 -17.53 32.93 19.74
N ALA B 261 -17.71 33.31 18.48
CA ALA B 261 -18.84 32.79 17.69
C ALA B 261 -18.70 31.29 17.47
N ALA B 262 -17.49 30.83 17.14
CA ALA B 262 -17.27 29.40 16.94
C ALA B 262 -17.42 28.63 18.24
N GLU B 263 -17.02 29.22 19.38
CA GLU B 263 -17.19 28.57 20.67
C GLU B 263 -18.67 28.39 20.99
N LEU B 264 -19.47 29.42 20.70
CA LEU B 264 -20.91 29.31 20.92
C LEU B 264 -21.53 28.28 20.00
N SER B 265 -21.11 28.26 18.74
CA SER B 265 -21.63 27.27 17.79
C SER B 265 -21.36 25.86 18.28
N PHE B 266 -20.13 25.57 18.68
CA PHE B 266 -19.82 24.25 19.22
C PHE B 266 -20.63 23.96 20.48
N SER B 267 -20.79 24.96 21.35
CA SER B 267 -21.50 24.76 22.61
C SER B 267 -23.00 24.53 22.40
N LEU B 268 -23.58 25.07 21.33
CA LEU B 268 -24.96 24.76 21.00
C LEU B 268 -25.11 23.45 20.23
N ALA B 269 -24.00 22.90 19.72
CA ALA B 269 -24.02 21.63 19.01
C ALA B 269 -23.47 20.52 19.89
N GLY B 270 -22.35 19.91 19.46
CA GLY B 270 -21.82 18.75 20.16
C GLY B 270 -21.47 18.99 21.61
N ARG B 271 -20.99 20.19 21.95
CA ARG B 271 -20.61 20.45 23.32
C ARG B 271 -21.82 20.58 24.25
N TRP B 272 -23.01 20.84 23.70
CA TRP B 272 -24.22 20.79 24.51
C TRP B 272 -24.40 19.41 25.15
N TYR B 273 -23.81 18.37 24.56
CA TYR B 273 -23.85 17.03 25.12
C TYR B 273 -22.52 16.59 25.71
N LEU B 274 -21.41 17.02 25.12
CA LEU B 274 -20.08 16.64 25.63
C LEU B 274 -19.85 17.16 27.04
N ASP B 275 -20.22 18.40 27.30
CA ASP B 275 -19.96 18.97 28.62
C ASP B 275 -20.81 18.31 29.71
N PRO B 276 -22.11 18.06 29.49
CA PRO B 276 -22.87 17.33 30.51
C PRO B 276 -22.32 15.95 30.81
N VAL B 277 -21.98 15.17 29.77
CA VAL B 277 -21.56 13.79 29.96
C VAL B 277 -20.20 13.72 30.63
N LEU B 278 -19.26 14.58 30.23
CA LEU B 278 -17.90 14.45 30.70
C LEU B 278 -17.53 15.44 31.80
N LYS B 279 -18.31 16.52 31.97
CA LYS B 279 -18.03 17.49 33.01
C LYS B 279 -19.23 17.80 33.90
N GLY B 280 -20.41 17.27 33.61
CA GLY B 280 -21.55 17.46 34.49
C GLY B 280 -22.10 18.86 34.50
N ARG B 281 -22.03 19.58 33.39
CA ARG B 281 -22.52 20.95 33.30
C ARG B 281 -22.96 21.23 31.87
N TYR B 282 -23.95 22.10 31.73
CA TYR B 282 -24.19 22.60 30.38
C TYR B 282 -23.29 23.80 30.12
N PRO B 283 -22.82 24.00 28.88
CA PRO B 283 -21.96 25.15 28.59
C PRO B 283 -22.66 26.46 28.88
N GLU B 284 -21.94 27.38 29.54
CA GLU B 284 -22.56 28.61 30.02
C GLU B 284 -22.92 29.53 28.87
N ASN B 285 -22.09 29.58 27.83
CA ASN B 285 -22.39 30.49 26.72
C ASN B 285 -23.65 30.06 26.00
N ALA B 286 -23.86 28.75 25.85
CA ALA B 286 -25.10 28.26 25.25
C ALA B 286 -26.30 28.53 26.15
N LEU B 287 -26.13 28.36 27.47
CA LEU B 287 -27.23 28.63 28.40
C LEU B 287 -27.68 30.09 28.33
N LYS B 288 -26.71 31.02 28.26
CA LYS B 288 -27.08 32.43 28.19
C LYS B 288 -27.85 32.75 26.92
N LEU B 289 -27.50 32.10 25.80
CA LEU B 289 -28.24 32.32 24.57
C LEU B 289 -29.68 31.84 24.68
N TYR B 290 -29.89 30.67 25.29
CA TYR B 290 -31.25 30.15 25.43
C TYR B 290 -32.06 30.99 26.40
N LYS B 291 -31.46 31.40 27.52
CA LYS B 291 -32.12 32.35 28.41
C LYS B 291 -32.45 33.63 27.66
N LYS B 292 -31.58 34.06 26.76
CA LYS B 292 -31.84 35.25 25.95
C LYS B 292 -33.09 35.06 25.09
N LYS B 293 -33.30 33.86 24.57
CA LYS B 293 -34.49 33.55 23.80
C LYS B 293 -35.71 33.26 24.67
N GLY B 294 -35.61 33.52 25.98
CA GLY B 294 -36.73 33.29 26.87
C GLY B 294 -36.91 31.86 27.33
N ILE B 295 -35.85 31.06 27.33
CA ILE B 295 -35.93 29.66 27.71
C ILE B 295 -35.00 29.46 28.90
N GLU B 296 -35.57 29.38 30.10
CA GLU B 296 -34.85 28.99 31.31
C GLU B 296 -35.14 27.53 31.60
N LEU B 297 -34.09 26.74 31.72
CA LEU B 297 -34.22 25.30 31.91
C LEU B 297 -34.13 24.95 33.38
N SER B 298 -35.13 24.23 33.89
CA SER B 298 -35.18 23.82 35.28
C SER B 298 -35.37 22.31 35.34
N PHE B 299 -34.40 21.62 35.92
CA PHE B 299 -34.42 20.19 36.13
C PHE B 299 -33.80 19.89 37.48
N PRO B 300 -34.08 18.73 38.06
CA PRO B 300 -33.51 18.39 39.37
C PRO B 300 -31.99 18.57 39.41
N GLU B 301 -31.49 18.96 40.58
CA GLU B 301 -30.07 19.26 40.72
C GLU B 301 -29.22 18.02 40.45
N ASP B 302 -29.66 16.86 40.92
CA ASP B 302 -28.89 15.64 40.80
C ASP B 302 -28.85 15.10 39.37
N ASP B 303 -29.62 15.69 38.44
CA ASP B 303 -29.65 15.16 37.07
C ASP B 303 -28.28 15.20 36.41
N LEU B 304 -27.54 16.30 36.58
CA LEU B 304 -26.26 16.43 35.89
C LEU B 304 -25.20 15.53 36.49
N LYS B 305 -25.30 15.21 37.78
CA LYS B 305 -24.39 14.24 38.36
C LYS B 305 -24.67 12.84 37.80
N LEU B 306 -25.94 12.52 37.60
CA LEU B 306 -26.30 11.24 37.00
C LEU B 306 -25.88 11.18 35.53
N ILE B 307 -26.05 12.29 34.80
CA ILE B 307 -25.67 12.32 33.39
C ILE B 307 -24.16 12.16 33.23
N SER B 308 -23.38 12.65 34.19
CA SER B 308 -21.92 12.57 34.12
C SER B 308 -21.36 11.33 34.81
N GLN B 309 -22.13 10.24 34.86
CA GLN B 309 -21.61 8.96 35.29
C GLN B 309 -20.31 8.66 34.54
N PRO B 310 -19.23 8.31 35.24
CA PRO B 310 -17.98 7.98 34.56
C PRO B 310 -18.19 6.92 33.48
N ILE B 311 -17.65 7.18 32.30
CA ILE B 311 -17.76 6.24 31.19
C ILE B 311 -16.35 5.77 30.84
N ASP B 312 -16.30 4.59 30.22
CA ASP B 312 -15.02 3.97 29.89
C ASP B 312 -14.35 4.64 28.69
N PHE B 313 -15.13 5.32 27.85
CA PHE B 313 -14.62 5.99 26.67
C PHE B 313 -15.68 6.98 26.23
N ILE B 314 -15.24 8.02 25.51
CA ILE B 314 -16.16 8.89 24.77
C ILE B 314 -16.07 8.50 23.30
N ALA B 315 -17.22 8.37 22.65
CA ALA B 315 -17.28 8.00 21.24
C ALA B 315 -17.91 9.13 20.44
N PHE B 316 -17.47 9.28 19.19
CA PHE B 316 -18.08 10.30 18.36
C PHE B 316 -18.15 9.86 16.91
N ASN B 317 -19.23 10.31 16.25
CA ASN B 317 -19.38 10.24 14.81
C ASN B 317 -18.92 11.56 14.22
N ASN B 318 -18.00 11.50 13.26
CA ASN B 318 -17.52 12.71 12.61
C ASN B 318 -17.40 12.49 11.11
N TYR B 319 -17.79 13.51 10.35
CA TYR B 319 -17.74 13.46 8.89
C TYR B 319 -17.11 14.72 8.29
N SER B 320 -17.33 15.87 8.92
CA SER B 320 -16.96 17.15 8.34
C SER B 320 -16.59 18.12 9.46
N SER B 321 -16.37 19.37 9.08
CA SER B 321 -16.05 20.44 10.01
C SER B 321 -16.95 21.63 9.72
N GLU B 322 -17.03 22.53 10.70
CA GLU B 322 -17.78 23.76 10.57
C GLU B 322 -16.83 24.94 10.49
N PHE B 323 -17.24 25.96 9.74
CA PHE B 323 -16.52 27.24 9.68
C PHE B 323 -17.51 28.34 10.00
N ILE B 324 -17.27 29.05 11.11
CA ILE B 324 -18.26 29.92 11.73
C ILE B 324 -17.76 31.35 11.74
N LYS B 325 -18.64 32.30 11.42
CA LYS B 325 -18.31 33.71 11.46
C LYS B 325 -19.25 34.45 12.42
N TYR B 326 -18.70 35.50 13.04
CA TYR B 326 -19.47 36.43 13.83
C TYR B 326 -20.63 36.99 13.03
N ASP B 327 -21.83 36.97 13.61
CA ASP B 327 -23.03 37.46 12.93
C ASP B 327 -23.93 38.11 13.97
N PRO B 328 -23.56 39.30 14.46
CA PRO B 328 -24.22 39.82 15.67
C PRO B 328 -25.69 40.18 15.47
N SER B 329 -26.14 40.48 14.26
CA SER B 329 -27.53 40.86 14.06
C SER B 329 -28.44 39.66 13.83
N SER B 330 -27.88 38.45 13.77
CA SER B 330 -28.69 37.24 13.67
C SER B 330 -29.21 36.83 15.05
N GLU B 331 -30.16 35.89 15.06
CA GLU B 331 -30.75 35.46 16.32
C GLU B 331 -29.77 34.64 17.15
N SER B 332 -28.85 33.93 16.51
CA SER B 332 -27.86 33.15 17.23
C SER B 332 -26.58 33.91 17.50
N GLY B 333 -26.32 34.98 16.75
CA GLY B 333 -25.04 35.67 16.83
C GLY B 333 -23.94 35.10 15.96
N PHE B 334 -24.22 34.06 15.17
CA PHE B 334 -23.20 33.46 14.32
C PHE B 334 -23.86 32.79 13.12
N SER B 335 -23.06 32.50 12.11
CA SER B 335 -23.56 31.84 10.90
C SER B 335 -22.39 31.20 10.18
N PRO B 336 -22.64 30.28 9.24
CA PRO B 336 -21.54 29.65 8.51
C PRO B 336 -20.77 30.66 7.66
N ALA B 337 -19.45 30.51 7.64
CA ALA B 337 -18.59 31.31 6.78
C ALA B 337 -18.63 30.72 5.38
N ASN B 338 -19.64 31.13 4.61
CA ASN B 338 -19.88 30.47 3.33
C ASN B 338 -18.77 30.76 2.32
N SER B 339 -18.12 31.91 2.41
CA SER B 339 -17.01 32.21 1.51
C SER B 339 -15.86 31.23 1.72
N ILE B 340 -15.63 30.81 2.96
CA ILE B 340 -14.61 29.81 3.25
C ILE B 340 -15.08 28.42 2.82
N LEU B 341 -16.34 28.09 3.11
CA LEU B 341 -16.84 26.74 2.84
C LEU B 341 -16.88 26.43 1.36
N GLU B 342 -17.07 27.44 0.50
CA GLU B 342 -17.27 27.16 -0.91
C GLU B 342 -15.99 26.71 -1.60
N LYS B 343 -14.82 26.97 -1.03
CA LYS B 343 -13.56 26.55 -1.63
C LYS B 343 -13.29 25.05 -1.49
N PHE B 344 -14.00 24.36 -0.61
CA PHE B 344 -13.71 22.96 -0.35
C PHE B 344 -14.36 22.04 -1.38
N GLU B 345 -13.71 20.91 -1.63
CA GLU B 345 -14.40 19.81 -2.29
C GLU B 345 -15.44 19.24 -1.34
N LYS B 346 -16.48 18.62 -1.91
CA LYS B 346 -17.62 18.16 -1.12
C LYS B 346 -17.96 16.71 -1.44
N THR B 347 -18.55 16.03 -0.46
CA THR B 347 -19.08 14.70 -0.70
C THR B 347 -20.45 14.80 -1.36
N ASP B 348 -21.02 13.64 -1.70
CA ASP B 348 -22.36 13.62 -2.28
C ASP B 348 -23.41 14.13 -1.29
N MET B 349 -23.04 14.39 -0.05
CA MET B 349 -23.97 14.96 0.91
C MET B 349 -23.88 16.47 0.94
N GLY B 350 -22.94 17.06 0.21
CA GLY B 350 -22.70 18.49 0.29
C GLY B 350 -21.80 18.90 1.43
N TRP B 351 -21.25 17.96 2.18
CA TRP B 351 -20.36 18.27 3.30
C TRP B 351 -18.95 18.49 2.79
N ILE B 352 -18.27 19.50 3.36
CA ILE B 352 -16.91 19.78 2.94
C ILE B 352 -15.99 18.65 3.39
N ILE B 353 -14.97 18.40 2.57
CA ILE B 353 -13.95 17.39 2.86
C ILE B 353 -12.74 18.14 3.38
N TYR B 354 -12.42 17.93 4.66
CA TYR B 354 -11.30 18.60 5.32
C TYR B 354 -10.74 17.65 6.35
N PRO B 355 -9.76 16.83 5.96
CA PRO B 355 -9.30 15.76 6.87
C PRO B 355 -8.62 16.28 8.12
N GLU B 356 -7.94 17.42 8.04
CA GLU B 356 -7.31 18.01 9.23
C GLU B 356 -8.32 18.26 10.34
N GLY B 357 -9.60 18.43 9.99
CA GLY B 357 -10.61 18.67 11.02
C GLY B 357 -10.76 17.52 11.99
N LEU B 358 -10.45 16.30 11.55
CA LEU B 358 -10.51 15.17 12.49
C LEU B 358 -9.36 15.24 13.48
N TYR B 359 -8.17 15.67 13.02
CA TYR B 359 -7.04 15.84 13.92
C TYR B 359 -7.33 16.90 14.97
N ASP B 360 -7.79 18.06 14.54
CA ASP B 360 -8.02 19.15 15.49
C ASP B 360 -9.14 18.81 16.48
N LEU B 361 -10.13 18.03 16.05
CA LEU B 361 -11.19 17.60 16.96
C LEU B 361 -10.68 16.58 17.97
N LEU B 362 -9.85 15.63 17.53
CA LEU B 362 -9.27 14.66 18.45
C LEU B 362 -8.34 15.33 19.45
N MET B 363 -7.57 16.32 19.00
CA MET B 363 -6.70 17.06 19.91
C MET B 363 -7.51 17.81 20.96
N LEU B 364 -8.67 18.34 20.56
CA LEU B 364 -9.51 19.08 21.49
C LEU B 364 -10.10 18.17 22.56
N LEU B 365 -10.62 17.01 22.14
CA LEU B 365 -11.12 16.03 23.10
C LEU B 365 -10.03 15.63 24.08
N ASP B 366 -8.83 15.35 23.58
CA ASP B 366 -7.72 14.98 24.44
C ASP B 366 -7.38 16.10 25.42
N ARG B 367 -7.35 17.34 24.93
CA ARG B 367 -6.91 18.47 25.74
C ARG B 367 -7.97 18.93 26.73
N ASP B 368 -9.24 18.91 26.34
CA ASP B 368 -10.28 19.53 27.14
C ASP B 368 -10.90 18.60 28.18
N TYR B 369 -10.71 17.29 28.05
CA TYR B 369 -11.45 16.32 28.87
C TYR B 369 -10.52 15.27 29.46
N GLY B 370 -9.30 15.68 29.81
CA GLY B 370 -8.43 14.83 30.60
C GLY B 370 -7.92 13.57 29.91
N LYS B 371 -7.55 13.68 28.64
CA LYS B 371 -7.03 12.56 27.85
C LYS B 371 -7.86 11.29 28.01
N PRO B 372 -9.15 11.33 27.69
CA PRO B 372 -9.97 10.12 27.79
C PRO B 372 -9.64 9.14 26.69
N ASN B 373 -10.04 7.88 26.91
CA ASN B 373 -10.09 6.91 25.82
C ASN B 373 -11.14 7.35 24.82
N ILE B 374 -10.83 7.24 23.53
CA ILE B 374 -11.67 7.79 22.48
C ILE B 374 -11.94 6.73 21.41
N VAL B 375 -13.19 6.63 20.98
CA VAL B 375 -13.61 5.73 19.91
C VAL B 375 -14.25 6.58 18.82
N ILE B 376 -13.81 6.38 17.57
CA ILE B 376 -14.52 6.94 16.43
C ILE B 376 -15.56 5.90 16.05
N SER B 377 -16.81 6.14 16.47
CA SER B 377 -17.90 5.20 16.26
C SER B 377 -18.47 5.28 14.85
N GLU B 378 -18.22 6.38 14.13
CA GLU B 378 -18.61 6.49 12.73
C GLU B 378 -17.68 7.47 12.03
N ASN B 379 -17.21 7.08 10.85
CA ASN B 379 -16.60 8.01 9.91
C ASN B 379 -16.70 7.37 8.54
N GLY B 380 -16.98 8.20 7.54
CA GLY B 380 -17.18 7.70 6.19
C GLY B 380 -17.63 8.82 5.27
N ALA B 381 -18.00 8.44 4.06
CA ALA B 381 -18.40 9.44 3.08
C ALA B 381 -19.35 8.81 2.07
N ALA B 382 -20.24 9.65 1.54
CA ALA B 382 -21.17 9.22 0.50
C ALA B 382 -20.69 9.79 -0.83
N PHE B 383 -20.64 8.94 -1.84
CA PHE B 383 -20.33 9.35 -3.19
C PHE B 383 -21.25 8.61 -4.13
N LYS B 384 -21.35 9.11 -5.36
CA LYS B 384 -22.15 8.44 -6.37
C LYS B 384 -21.34 7.26 -6.91
N ASP B 385 -21.90 6.06 -6.78
CA ASP B 385 -21.22 4.82 -7.14
C ASP B 385 -21.75 4.32 -8.48
N GLU B 386 -20.86 3.76 -9.28
CA GLU B 386 -21.24 3.09 -10.51
C GLU B 386 -20.63 1.70 -10.54
N ILE B 387 -21.45 0.70 -10.83
CA ILE B 387 -20.96 -0.65 -11.08
C ILE B 387 -20.36 -0.65 -12.49
N GLY B 388 -19.05 -0.86 -12.57
CA GLY B 388 -18.39 -0.86 -13.87
C GLY B 388 -18.81 -2.06 -14.70
N SER B 389 -18.41 -2.00 -15.98
CA SER B 389 -18.67 -3.11 -16.89
C SER B 389 -17.94 -4.38 -16.49
N ASN B 390 -17.08 -4.32 -15.47
CA ASN B 390 -16.33 -5.45 -14.98
C ASN B 390 -16.89 -6.00 -13.67
N GLY B 391 -18.05 -5.52 -13.24
CA GLY B 391 -18.61 -5.92 -11.96
C GLY B 391 -18.01 -5.22 -10.76
N LYS B 392 -17.03 -4.34 -10.96
CA LYS B 392 -16.37 -3.65 -9.85
C LYS B 392 -17.04 -2.32 -9.58
N ILE B 393 -16.94 -1.86 -8.34
CA ILE B 393 -17.31 -0.51 -7.96
C ILE B 393 -16.01 0.21 -7.62
N GLU B 394 -15.54 1.06 -8.52
CA GLU B 394 -14.27 1.76 -8.35
C GLU B 394 -14.52 3.11 -7.66
N ASP B 395 -14.80 3.04 -6.36
CA ASP B 395 -15.15 4.26 -5.62
C ASP B 395 -13.89 4.94 -5.11
N THR B 396 -13.15 5.52 -6.06
CA THR B 396 -11.86 6.11 -5.76
C THR B 396 -11.96 7.27 -4.78
N LYS B 397 -13.01 8.09 -4.91
CA LYS B 397 -13.12 9.24 -4.02
C LYS B 397 -13.40 8.82 -2.58
N ARG B 398 -14.14 7.73 -2.37
CA ARG B 398 -14.36 7.26 -1.01
C ARG B 398 -13.07 6.71 -0.40
N ILE B 399 -12.30 5.93 -1.18
CA ILE B 399 -10.99 5.48 -0.72
C ILE B 399 -10.15 6.67 -0.29
N GLN B 400 -10.11 7.72 -1.11
CA GLN B 400 -9.28 8.88 -0.79
C GLN B 400 -9.79 9.61 0.44
N TYR B 401 -11.10 9.67 0.63
CA TYR B 401 -11.64 10.26 1.85
C TYR B 401 -11.16 9.48 3.08
N LEU B 402 -11.43 8.17 3.11
CA LEU B 402 -11.07 7.37 4.27
C LEU B 402 -9.56 7.42 4.52
N LYS B 403 -8.77 7.25 3.47
CA LYS B 403 -7.32 7.31 3.63
C LYS B 403 -6.89 8.64 4.24
N ASP B 404 -7.42 9.75 3.72
CA ASP B 404 -7.05 11.07 4.20
C ASP B 404 -7.43 11.26 5.66
N TYR B 405 -8.67 10.91 6.01
CA TYR B 405 -9.11 11.13 7.39
C TYR B 405 -8.38 10.19 8.35
N LEU B 406 -8.20 8.93 7.97
CA LEU B 406 -7.44 8.02 8.82
C LEU B 406 -6.00 8.50 9.00
N THR B 407 -5.42 9.11 7.98
CA THR B 407 -4.08 9.69 8.15
C THR B 407 -4.07 10.71 9.28
N GLN B 408 -5.09 11.57 9.34
CA GLN B 408 -5.14 12.58 10.39
C GLN B 408 -5.45 11.97 11.74
N ALA B 409 -6.24 10.89 11.77
CA ALA B 409 -6.45 10.19 13.04
C ALA B 409 -5.16 9.56 13.54
N HIS B 410 -4.37 9.00 12.62
CA HIS B 410 -3.06 8.48 12.99
C HIS B 410 -2.15 9.58 13.51
N ARG B 411 -2.22 10.77 12.90
CA ARG B 411 -1.41 11.88 13.37
C ARG B 411 -1.78 12.30 14.79
N ALA B 412 -3.07 12.23 15.12
CA ALA B 412 -3.50 12.54 16.48
C ALA B 412 -2.96 11.51 17.47
N ILE B 413 -2.93 10.23 17.09
CA ILE B 413 -2.35 9.21 17.94
C ILE B 413 -0.86 9.49 18.17
N GLN B 414 -0.13 9.89 17.11
CA GLN B 414 1.28 10.18 17.29
C GLN B 414 1.50 11.35 18.23
N ASP B 415 0.53 12.26 18.32
CA ASP B 415 0.62 13.40 19.22
C ASP B 415 -0.03 13.14 20.57
N GLY B 416 -0.32 11.88 20.90
CA GLY B 416 -0.66 11.49 22.26
C GLY B 416 -2.11 11.16 22.53
N VAL B 417 -2.99 11.24 21.54
CA VAL B 417 -4.42 11.00 21.77
C VAL B 417 -4.66 9.51 21.98
N ASN B 418 -5.51 9.18 22.95
CA ASN B 418 -5.84 7.78 23.24
C ASN B 418 -6.99 7.30 22.37
N LEU B 419 -6.76 7.34 21.06
CA LEU B 419 -7.73 6.86 20.10
C LEU B 419 -7.61 5.34 19.97
N LYS B 420 -8.67 4.61 20.33
CA LYS B 420 -8.60 3.16 20.49
C LYS B 420 -9.27 2.38 19.38
N ALA B 421 -10.19 2.98 18.63
CA ALA B 421 -10.96 2.22 17.66
C ALA B 421 -11.46 3.18 16.57
N TYR B 422 -11.72 2.59 15.40
CA TYR B 422 -12.28 3.33 14.26
C TYR B 422 -13.34 2.45 13.64
N TYR B 423 -14.59 2.92 13.64
CA TYR B 423 -15.69 2.21 13.00
C TYR B 423 -16.07 2.95 11.71
N LEU B 424 -15.92 2.27 10.59
CA LEU B 424 -16.19 2.85 9.28
C LEU B 424 -17.70 2.80 9.03
N TRP B 425 -18.32 3.96 8.82
CA TRP B 425 -19.71 4.03 8.38
C TRP B 425 -19.74 4.09 6.85
N SER B 426 -20.36 3.10 6.23
CA SER B 426 -21.04 1.96 6.86
C SER B 426 -20.58 0.68 6.19
N LEU B 427 -20.80 -0.46 6.84
CA LEU B 427 -20.56 -1.72 6.16
C LEU B 427 -21.36 -1.81 4.86
N LEU B 428 -22.62 -1.39 4.89
CA LEU B 428 -23.54 -1.57 3.78
C LEU B 428 -24.16 -0.23 3.40
N ASP B 429 -24.35 -0.01 2.09
CA ASP B 429 -25.29 1.01 1.65
C ASP B 429 -26.63 0.77 2.34
N ASN B 430 -27.26 1.82 2.84
CA ASN B 430 -28.45 1.61 3.64
C ASN B 430 -29.41 2.79 3.52
N PHE B 431 -30.48 2.74 4.30
CA PHE B 431 -31.52 3.78 4.31
C PHE B 431 -30.98 5.00 5.04
N GLU B 432 -30.63 6.04 4.29
CA GLU B 432 -30.02 7.24 4.86
C GLU B 432 -31.09 8.23 5.31
N TRP B 433 -31.93 7.75 6.23
CA TRP B 433 -32.97 8.54 6.88
C TRP B 433 -33.82 9.33 5.88
N ALA B 434 -33.85 10.66 6.01
CA ALA B 434 -34.72 11.45 5.14
C ALA B 434 -34.25 11.46 3.68
N TYR B 435 -33.03 11.01 3.40
CA TYR B 435 -32.57 10.87 2.03
C TYR B 435 -32.97 9.54 1.40
N GLY B 436 -33.48 8.60 2.17
CA GLY B 436 -33.77 7.30 1.62
C GLY B 436 -32.51 6.63 1.11
N TYR B 437 -32.66 5.90 0.00
CA TYR B 437 -31.56 5.14 -0.56
C TYR B 437 -30.72 5.94 -1.55
N ASN B 438 -30.87 7.27 -1.55
CA ASN B 438 -30.20 8.14 -2.52
C ASN B 438 -28.76 8.47 -2.13
N LYS B 439 -28.32 8.12 -0.93
CA LYS B 439 -26.96 8.41 -0.47
C LYS B 439 -26.32 7.12 0.02
N ARG B 440 -25.23 6.73 -0.62
CA ARG B 440 -24.58 5.45 -0.35
C ARG B 440 -23.29 5.68 0.44
N PHE B 441 -23.26 5.18 1.68
CA PHE B 441 -22.09 5.27 2.55
C PHE B 441 -21.31 3.96 2.65
N GLY B 442 -21.81 2.89 2.06
CA GLY B 442 -21.24 1.59 2.33
C GLY B 442 -19.89 1.37 1.67
N ILE B 443 -19.11 0.46 2.27
CA ILE B 443 -17.99 -0.14 1.55
C ILE B 443 -18.44 -1.40 0.83
N VAL B 444 -19.70 -1.80 1.03
CA VAL B 444 -20.33 -2.90 0.31
C VAL B 444 -21.56 -2.30 -0.37
N HIS B 445 -21.62 -2.43 -1.69
CA HIS B 445 -22.77 -1.95 -2.45
C HIS B 445 -23.97 -2.88 -2.23
N VAL B 446 -25.15 -2.28 -2.06
CA VAL B 446 -26.39 -3.04 -1.92
C VAL B 446 -27.35 -2.58 -3.00
N ASN B 447 -27.81 -3.53 -3.83
CA ASN B 447 -28.88 -3.30 -4.79
C ASN B 447 -30.21 -3.43 -4.04
N PHE B 448 -30.92 -2.32 -3.85
CA PHE B 448 -32.11 -2.39 -3.02
C PHE B 448 -33.31 -3.02 -3.71
N ASP B 449 -33.22 -3.27 -5.03
CA ASP B 449 -34.25 -4.02 -5.74
C ASP B 449 -34.03 -5.52 -5.65
N THR B 450 -32.79 -5.99 -5.81
CA THR B 450 -32.48 -7.42 -5.75
C THR B 450 -31.88 -7.87 -4.43
N LEU B 451 -31.37 -6.94 -3.61
CA LEU B 451 -30.75 -7.18 -2.32
C LEU B 451 -29.36 -7.82 -2.44
N GLU B 452 -28.79 -7.85 -3.64
CA GLU B 452 -27.44 -8.37 -3.84
C GLU B 452 -26.40 -7.46 -3.21
N ARG B 453 -25.39 -8.08 -2.60
CA ARG B 453 -24.22 -7.38 -2.07
C ARG B 453 -23.05 -7.52 -3.04
N LYS B 454 -22.34 -6.41 -3.26
CA LYS B 454 -21.08 -6.40 -4.02
C LYS B 454 -20.08 -5.54 -3.28
N ILE B 455 -18.96 -6.13 -2.86
CA ILE B 455 -17.93 -5.39 -2.14
C ILE B 455 -17.35 -4.33 -3.07
N LYS B 456 -17.35 -3.08 -2.61
CA LYS B 456 -16.74 -2.00 -3.38
C LYS B 456 -15.22 -2.04 -3.24
N ASP B 457 -14.54 -1.33 -4.14
CA ASP B 457 -13.10 -1.22 -4.04
C ASP B 457 -12.69 -0.64 -2.68
N SER B 458 -13.52 0.21 -2.09
CA SER B 458 -13.22 0.71 -0.76
C SER B 458 -13.23 -0.40 0.27
N GLY B 459 -14.06 -1.42 0.08
CA GLY B 459 -14.06 -2.55 0.99
C GLY B 459 -12.80 -3.39 0.87
N TYR B 460 -12.34 -3.60 -0.37
CA TYR B 460 -11.10 -4.36 -0.58
C TYR B 460 -9.89 -3.57 -0.12
N TRP B 461 -9.93 -2.25 -0.26
CA TRP B 461 -8.88 -1.39 0.28
C TRP B 461 -8.82 -1.51 1.80
N TYR B 462 -9.98 -1.38 2.46
CA TYR B 462 -10.04 -1.50 3.92
C TYR B 462 -9.55 -2.86 4.38
N LYS B 463 -9.90 -3.92 3.63
CA LYS B 463 -9.36 -5.25 3.90
C LYS B 463 -7.84 -5.22 4.04
N GLU B 464 -7.15 -4.50 3.16
CA GLU B 464 -5.69 -4.46 3.24
C GLU B 464 -5.21 -3.55 4.36
N VAL B 465 -5.93 -2.44 4.60
CA VAL B 465 -5.63 -1.59 5.74
C VAL B 465 -5.62 -2.41 7.03
N ILE B 466 -6.67 -3.19 7.23
CA ILE B 466 -6.77 -4.03 8.44
C ILE B 466 -5.63 -5.04 8.48
N LYS B 467 -5.41 -5.76 7.37
CA LYS B 467 -4.31 -6.73 7.34
C LYS B 467 -2.97 -6.07 7.63
N ASN B 468 -2.73 -4.88 7.08
CA ASN B 468 -1.45 -4.20 7.28
C ASN B 468 -1.46 -3.24 8.46
N ASN B 469 -2.61 -3.03 9.10
CA ASN B 469 -2.71 -2.12 10.25
C ASN B 469 -2.29 -0.70 9.85
N GLY B 470 -2.64 -0.30 8.64
CA GLY B 470 -2.32 1.02 8.14
C GLY B 470 -2.14 0.98 6.63
N PHE B 471 -1.31 1.89 6.12
CA PHE B 471 -1.12 2.01 4.69
C PHE B 471 0.12 2.85 4.44
N LEU B 472 0.48 2.98 3.16
CA LEU B 472 1.58 3.83 2.73
C LEU B 472 1.05 5.16 2.24
N GLU B 473 1.74 6.23 2.62
CA GLU B 473 1.44 7.58 2.13
C GLU B 473 2.54 7.98 1.17
N HIS B 474 2.20 8.09 -0.11
CA HIS B 474 3.17 8.46 -1.13
C HIS B 474 3.28 9.98 -1.26
#